data_2V64
#
_entry.id   2V64
#
_cell.length_a   112.580
_cell.length_b   111.880
_cell.length_c   131.760
_cell.angle_alpha   90.00
_cell.angle_beta   90.00
_cell.angle_gamma   90.00
#
_symmetry.space_group_name_H-M   'P 21 21 21'
#
loop_
_entity.id
_entity.type
_entity.pdbx_description
1 polymer 'MITOTIC SPINDLE ASSEMBLY CHECKPOINT PROTEIN MAD2A'
2 polymer MBP1
3 polymer 'MITOTIC SPINDLE ASSEMBLY CHECKPOINT PROTEIN MAD2A'
4 water water
#
loop_
_entity_poly.entity_id
_entity_poly.type
_entity_poly.pdbx_seq_one_letter_code
_entity_poly.pdbx_strand_id
1 'polypeptide(L)'
;MHHHHHHGSALQLSREQGITLRGSAEIVAEFFSFGINSILYQRGIYPSETFTRVQKYGLTLLVTTDLELIKYLNNVVEQL
KDWLYKCSVQKLVVVISNIESGEVLERWQFDIECDKTAKDDSAPREKSQKAIQDEIRSVIRQITATVTFLPLLEVSCSFD
LLIYTDKDLVVPEKWEESGPQFITNSEEVRLRSFTTTIHKVNSMVAYKIPVND
;
A,C,F
2 'polypeptide(L)' SWYSYPPPQRAV B,G,I
3 'polypeptide(L)'
;MHHHHHHGSALQLSREQGITLRGSAEIVAEFFSFGINSILYQRGIYPSETFTRVQKYGLTLLVTTDLELIKYLNNVVEQL
KDWLYKCSVQKLVVVISNIESGEVLERWQFDIECDKGSGEKSQKAIQDEIRSVIRQITATVTFLPLLEVSCSFDLLIYTD
KDLVVPEKWEESGPQFITNSEEVRLRSFTTTIHKVNSMVAYKIPVND
;
D,E,H
#
# COMPACT_ATOMS: atom_id res chain seq x y z
N HIS A 3 -5.01 -9.84 2.12
CA HIS A 3 -3.64 -9.60 2.03
C HIS A 3 -3.20 -8.64 3.17
N HIS A 4 -2.10 -7.85 3.01
CA HIS A 4 -1.59 -7.02 4.16
C HIS A 4 -0.27 -6.30 3.87
N HIS A 5 -0.06 -5.35 4.73
CA HIS A 5 1.22 -4.70 4.46
C HIS A 5 2.66 -4.55 5.02
N HIS A 6 3.20 -5.50 5.77
CA HIS A 6 4.57 -5.29 6.41
C HIS A 6 4.98 -6.72 6.60
N HIS A 7 5.33 -7.25 5.45
CA HIS A 7 5.92 -8.56 5.36
C HIS A 7 7.35 -8.67 6.09
N GLY A 8 8.30 -7.72 6.00
CA GLY A 8 9.61 -7.95 6.65
C GLY A 8 10.57 -8.32 5.55
N SER A 9 11.75 -8.78 5.95
CA SER A 9 12.76 -9.16 4.98
C SER A 9 12.48 -10.45 4.24
N ALA A 10 12.50 -10.41 2.91
CA ALA A 10 12.23 -11.61 2.13
C ALA A 10 13.21 -12.69 2.49
N LEU A 11 14.46 -12.34 2.67
CA LEU A 11 15.42 -13.34 3.05
C LEU A 11 15.02 -13.96 4.38
N GLN A 12 14.81 -13.14 5.41
CA GLN A 12 14.44 -13.71 6.70
C GLN A 12 13.24 -14.66 6.50
N LEU A 13 12.24 -14.18 5.80
CA LEU A 13 11.03 -14.95 5.57
C LEU A 13 11.27 -16.28 4.88
N SER A 14 12.23 -16.29 3.97
CA SER A 14 12.50 -17.51 3.26
C SER A 14 12.99 -18.61 4.20
N ARG A 15 13.59 -18.22 5.33
CA ARG A 15 14.14 -19.16 6.30
C ARG A 15 13.13 -19.54 7.36
N GLU A 16 12.29 -18.59 7.69
CA GLU A 16 11.29 -18.82 8.71
C GLU A 16 10.03 -19.51 8.21
N GLN A 17 9.75 -19.37 6.91
CA GLN A 17 8.56 -19.94 6.27
C GLN A 17 7.26 -19.15 6.50
N GLY A 18 6.98 -18.79 7.75
CA GLY A 18 5.76 -18.04 8.04
C GLY A 18 5.11 -18.13 9.43
N ILE A 19 3.95 -17.51 9.55
CA ILE A 19 3.23 -17.49 10.82
C ILE A 19 2.06 -18.48 10.81
N THR A 20 2.05 -19.42 11.75
CA THR A 20 0.96 -20.37 11.82
C THR A 20 0.08 -19.97 13.00
N LEU A 21 -1.14 -20.49 13.05
CA LEU A 21 -2.08 -20.20 14.14
C LEU A 21 -1.53 -20.48 15.53
N ARG A 22 -0.78 -21.56 15.67
CA ARG A 22 -0.23 -21.87 16.97
C ARG A 22 0.86 -20.88 17.28
N GLY A 23 1.75 -20.68 16.33
CA GLY A 23 2.84 -19.75 16.56
C GLY A 23 2.35 -18.33 16.85
N SER A 24 1.22 -17.98 16.27
CA SER A 24 0.67 -16.66 16.50
C SER A 24 0.26 -16.59 17.99
N ALA A 25 -0.44 -17.63 18.42
CA ALA A 25 -0.89 -17.74 19.80
C ALA A 25 0.24 -17.57 20.80
N GLU A 26 1.42 -18.11 20.52
CA GLU A 26 2.53 -17.95 21.44
C GLU A 26 2.99 -16.47 21.45
N ILE A 27 3.18 -15.91 20.27
CA ILE A 27 3.60 -14.54 20.16
C ILE A 27 2.69 -13.64 21.00
N VAL A 28 1.38 -13.71 20.76
CA VAL A 28 0.45 -12.90 21.53
C VAL A 28 0.48 -13.17 23.06
N ALA A 29 0.55 -14.44 23.46
CA ALA A 29 0.56 -14.72 24.91
C ALA A 29 1.84 -14.18 25.51
N GLU A 30 2.95 -14.38 24.82
CA GLU A 30 4.23 -13.92 25.31
C GLU A 30 4.15 -12.40 25.53
N PHE A 31 3.53 -11.69 24.59
CA PHE A 31 3.38 -10.25 24.72
C PHE A 31 2.66 -9.82 26.01
N PHE A 32 1.54 -10.47 26.36
CA PHE A 32 0.77 -10.16 27.58
C PHE A 32 1.62 -10.41 28.82
N SER A 33 2.59 -11.31 28.68
CA SER A 33 3.49 -11.58 29.77
C SER A 33 4.33 -10.30 29.97
N PHE A 34 5.05 -9.89 28.94
CA PHE A 34 5.86 -8.67 29.04
C PHE A 34 5.03 -7.43 29.22
N GLY A 35 3.91 -7.37 28.50
CA GLY A 35 2.98 -6.26 28.62
C GLY A 35 2.59 -6.01 30.09
N ILE A 36 2.13 -7.07 30.78
CA ILE A 36 1.71 -6.96 32.20
C ILE A 36 2.89 -6.63 33.11
N ASN A 37 4.00 -7.30 32.90
CA ASN A 37 5.17 -6.99 33.70
C ASN A 37 5.52 -5.52 33.58
N SER A 38 5.42 -4.99 32.36
CA SER A 38 5.72 -3.58 32.11
C SER A 38 4.78 -2.63 32.81
N ILE A 39 3.48 -2.87 32.71
CA ILE A 39 2.56 -2.00 33.42
C ILE A 39 2.81 -2.06 34.90
N LEU A 40 2.87 -3.27 35.46
CA LEU A 40 3.08 -3.37 36.90
C LEU A 40 4.30 -2.62 37.36
N TYR A 41 5.34 -2.59 36.51
CA TYR A 41 6.58 -1.90 36.87
C TYR A 41 6.58 -0.40 36.69
N GLN A 42 6.03 0.07 35.60
CA GLN A 42 6.05 1.49 35.36
C GLN A 42 4.98 2.28 36.10
N ARG A 43 3.90 1.63 36.45
CA ARG A 43 2.83 2.31 37.17
C ARG A 43 3.14 2.04 38.64
N GLY A 44 4.33 1.49 38.91
CA GLY A 44 4.77 1.15 40.26
C GLY A 44 3.83 0.32 41.15
N ILE A 45 3.07 -0.60 40.57
CA ILE A 45 2.16 -1.43 41.34
C ILE A 45 2.96 -2.26 42.33
N TYR A 46 4.22 -2.55 42.00
CA TYR A 46 5.11 -3.31 42.87
C TYR A 46 6.42 -2.54 42.99
N PRO A 47 7.16 -2.79 44.07
CA PRO A 47 8.43 -2.05 44.22
C PRO A 47 9.35 -2.29 43.02
N SER A 48 10.07 -1.24 42.62
CA SER A 48 10.95 -1.35 41.48
C SER A 48 12.11 -2.31 41.70
N GLU A 49 12.59 -2.40 42.94
CA GLU A 49 13.70 -3.33 43.28
C GLU A 49 13.24 -4.78 43.10
N THR A 50 11.93 -4.96 43.01
CA THR A 50 11.30 -6.25 42.75
C THR A 50 11.48 -6.79 41.33
N PHE A 51 11.89 -5.93 40.40
CA PHE A 51 12.06 -6.36 39.02
C PHE A 51 13.51 -6.55 38.57
N THR A 52 13.67 -7.12 37.38
CA THR A 52 14.99 -7.35 36.83
C THR A 52 14.96 -7.10 35.32
N ARG A 53 16.09 -6.59 34.83
CA ARG A 53 16.31 -6.27 33.42
C ARG A 53 16.41 -7.48 32.51
N VAL A 54 15.83 -7.34 31.32
CA VAL A 54 15.88 -8.38 30.30
C VAL A 54 15.77 -7.78 28.90
N GLN A 55 16.40 -8.44 27.93
CA GLN A 55 16.33 -7.95 26.57
C GLN A 55 15.20 -8.64 25.83
N LYS A 56 14.31 -7.87 25.23
CA LYS A 56 13.19 -8.46 24.50
C LYS A 56 12.65 -7.42 23.53
N TYR A 57 12.26 -7.87 22.34
CA TYR A 57 11.69 -6.98 21.35
C TYR A 57 12.64 -5.84 21.00
N GLY A 58 13.93 -6.05 21.29
CA GLY A 58 14.90 -5.03 20.95
C GLY A 58 14.86 -3.88 21.94
N LEU A 59 14.38 -4.16 23.14
CA LEU A 59 14.33 -3.15 24.18
C LEU A 59 14.82 -3.77 25.48
N THR A 60 14.98 -2.96 26.52
CA THR A 60 15.39 -3.52 27.82
C THR A 60 14.14 -3.41 28.67
N LEU A 61 13.55 -4.55 28.99
CA LEU A 61 12.31 -4.53 29.77
C LEU A 61 12.59 -5.05 31.17
N LEU A 62 11.61 -4.88 32.03
CA LEU A 62 11.75 -5.35 33.40
C LEU A 62 10.68 -6.35 33.72
N VAL A 63 11.10 -7.47 34.32
CA VAL A 63 10.13 -8.47 34.72
C VAL A 63 10.27 -8.79 36.21
N THR A 64 9.18 -9.27 36.80
CA THR A 64 9.17 -9.58 38.23
C THR A 64 10.16 -10.65 38.65
N THR A 65 10.55 -10.57 39.92
CA THR A 65 11.54 -11.46 40.50
C THR A 65 10.87 -12.23 41.59
N ASP A 66 9.63 -11.84 41.86
CA ASP A 66 8.82 -12.45 42.89
C ASP A 66 8.37 -13.85 42.43
N LEU A 67 8.84 -14.88 43.12
CA LEU A 67 8.50 -16.25 42.77
C LEU A 67 7.00 -16.48 42.59
N GLU A 68 6.19 -16.16 43.59
CA GLU A 68 4.76 -16.34 43.43
C GLU A 68 4.16 -15.60 42.22
N LEU A 69 4.56 -14.36 42.00
CA LEU A 69 4.03 -13.61 40.88
C LEU A 69 4.47 -14.31 39.59
N ILE A 70 5.76 -14.64 39.52
CA ILE A 70 6.27 -15.32 38.36
C ILE A 70 5.38 -16.51 38.06
N LYS A 71 5.17 -17.36 39.05
CA LYS A 71 4.35 -18.57 38.90
C LYS A 71 2.94 -18.25 38.45
N TYR A 72 2.41 -17.13 38.93
CA TYR A 72 1.06 -16.67 38.59
C TYR A 72 0.88 -16.28 37.11
N LEU A 73 1.75 -15.38 36.65
CA LEU A 73 1.71 -14.92 35.27
C LEU A 73 1.84 -16.09 34.34
N ASN A 74 2.65 -17.08 34.71
CA ASN A 74 2.80 -18.21 33.81
C ASN A 74 1.50 -18.95 33.60
N ASN A 75 0.78 -19.16 34.69
CA ASN A 75 -0.49 -19.84 34.58
C ASN A 75 -1.40 -19.03 33.63
N VAL A 76 -1.40 -17.72 33.80
CA VAL A 76 -2.19 -16.89 32.93
C VAL A 76 -1.74 -17.04 31.51
N VAL A 77 -0.43 -16.88 31.28
CA VAL A 77 0.11 -16.98 29.92
C VAL A 77 -0.23 -18.31 29.24
N GLU A 78 0.04 -19.41 29.93
CA GLU A 78 -0.19 -20.74 29.38
C GLU A 78 -1.66 -20.95 29.05
N GLN A 79 -2.54 -20.42 29.88
CA GLN A 79 -3.98 -20.52 29.65
C GLN A 79 -4.38 -19.62 28.47
N LEU A 80 -3.82 -18.42 28.48
CA LEU A 80 -4.08 -17.44 27.46
C LEU A 80 -3.67 -18.05 26.15
N LYS A 81 -2.69 -18.93 26.24
CA LYS A 81 -2.17 -19.56 25.04
C LYS A 81 -3.20 -20.52 24.47
N ASP A 82 -3.85 -21.29 25.33
CA ASP A 82 -4.86 -22.24 24.87
C ASP A 82 -6.03 -21.55 24.23
N TRP A 83 -6.57 -20.57 24.94
CA TRP A 83 -7.70 -19.82 24.46
C TRP A 83 -7.44 -19.13 23.14
N LEU A 84 -6.25 -18.55 22.97
CA LEU A 84 -5.95 -17.84 21.74
C LEU A 84 -5.91 -18.77 20.53
N TYR A 85 -5.41 -19.99 20.72
CA TYR A 85 -5.32 -20.99 19.64
C TYR A 85 -6.72 -21.27 19.10
N LYS A 86 -7.69 -21.25 20.01
CA LYS A 86 -9.07 -21.53 19.68
C LYS A 86 -9.86 -20.27 19.48
N CYS A 87 -9.22 -19.12 19.62
CA CYS A 87 -9.92 -17.86 19.43
C CYS A 87 -11.05 -17.65 20.43
N SER A 88 -10.78 -17.92 21.70
CA SER A 88 -11.85 -17.81 22.66
C SER A 88 -11.83 -16.54 23.53
N VAL A 89 -10.71 -15.85 23.58
CA VAL A 89 -10.63 -14.66 24.43
C VAL A 89 -10.69 -13.42 23.58
N GLN A 90 -11.63 -12.52 23.88
CA GLN A 90 -11.78 -11.27 23.11
C GLN A 90 -11.13 -10.07 23.75
N LYS A 91 -10.99 -10.08 25.07
CA LYS A 91 -10.35 -8.97 25.75
C LYS A 91 -9.54 -9.49 26.93
N LEU A 92 -8.51 -8.73 27.32
CA LEU A 92 -7.65 -9.06 28.44
C LEU A 92 -7.54 -7.72 29.12
N VAL A 93 -8.00 -7.62 30.37
CA VAL A 93 -7.92 -6.34 31.06
C VAL A 93 -7.12 -6.38 32.37
N VAL A 94 -6.28 -5.36 32.58
CA VAL A 94 -5.52 -5.24 33.82
C VAL A 94 -6.18 -4.11 34.64
N VAL A 95 -6.88 -4.52 35.69
CA VAL A 95 -7.59 -3.56 36.53
C VAL A 95 -6.72 -3.14 37.69
N ILE A 96 -6.50 -1.84 37.82
CA ILE A 96 -5.71 -1.31 38.93
C ILE A 96 -6.57 -0.56 39.94
N SER A 97 -6.50 -0.92 41.21
CA SER A 97 -7.30 -0.22 42.22
C SER A 97 -6.62 0.02 43.56
N ASN A 98 -7.27 0.83 44.39
CA ASN A 98 -6.82 1.19 45.73
C ASN A 98 -6.88 -0.06 46.58
N ILE A 99 -5.72 -0.42 47.11
CA ILE A 99 -5.61 -1.63 47.89
C ILE A 99 -6.51 -1.66 49.12
N GLU A 100 -6.87 -0.48 49.63
CA GLU A 100 -7.74 -0.39 50.79
C GLU A 100 -9.20 -0.21 50.39
N SER A 101 -9.53 0.91 49.75
CA SER A 101 -10.90 1.18 49.33
C SER A 101 -11.39 0.19 48.30
N GLY A 102 -10.62 0.00 47.25
CA GLY A 102 -11.06 -0.93 46.24
C GLY A 102 -11.48 -0.13 45.04
N GLU A 103 -11.36 1.19 45.13
CA GLU A 103 -11.70 2.09 44.04
C GLU A 103 -10.79 1.84 42.83
N VAL A 104 -11.40 1.53 41.68
CA VAL A 104 -10.66 1.31 40.44
C VAL A 104 -10.12 2.63 39.93
N LEU A 105 -8.81 2.73 39.80
CA LEU A 105 -8.18 3.97 39.37
C LEU A 105 -7.58 4.05 37.97
N GLU A 106 -7.35 2.91 37.35
CA GLU A 106 -6.71 2.87 36.06
C GLU A 106 -7.07 1.51 35.51
N ARG A 107 -7.28 1.45 34.21
CA ARG A 107 -7.69 0.21 33.61
C ARG A 107 -7.10 0.07 32.24
N TRP A 108 -6.22 -0.91 32.06
CA TRP A 108 -5.61 -1.16 30.76
C TRP A 108 -6.40 -2.24 30.02
N GLN A 109 -6.92 -1.88 28.85
CA GLN A 109 -7.71 -2.81 28.06
C GLN A 109 -7.06 -3.25 26.74
N PHE A 110 -7.11 -4.55 26.48
CA PHE A 110 -6.54 -5.13 25.29
C PHE A 110 -7.64 -5.89 24.56
N ASP A 111 -7.91 -5.44 23.33
CA ASP A 111 -8.91 -6.06 22.47
C ASP A 111 -8.21 -6.98 21.47
N ILE A 112 -8.64 -8.23 21.46
CA ILE A 112 -8.01 -9.18 20.60
C ILE A 112 -8.90 -9.53 19.41
N GLU A 113 -8.33 -9.49 18.22
CA GLU A 113 -9.09 -9.80 17.02
C GLU A 113 -8.40 -11.04 16.46
N CYS A 114 -9.15 -12.09 16.19
CA CYS A 114 -8.53 -13.31 15.67
C CYS A 114 -9.19 -13.69 14.32
N ASP A 115 -8.44 -14.35 13.44
CA ASP A 115 -8.99 -14.82 12.16
C ASP A 115 -9.49 -16.29 12.29
N LYS A 116 -10.81 -16.42 12.36
CA LYS A 116 -11.45 -17.72 12.51
C LYS A 116 -11.00 -18.76 11.49
N THR A 117 -10.64 -18.31 10.29
CA THR A 117 -10.24 -19.19 9.19
C THR A 117 -8.77 -19.61 9.14
N ALA A 118 -7.95 -19.01 9.99
CA ALA A 118 -6.53 -19.32 10.00
C ALA A 118 -6.23 -20.80 10.25
N LYS A 119 -7.10 -21.48 10.98
CA LYS A 119 -6.87 -22.90 11.26
C LYS A 119 -6.93 -23.77 9.99
N ASP A 120 -7.47 -23.22 8.90
CA ASP A 120 -7.59 -23.96 7.64
C ASP A 120 -6.71 -23.38 6.56
N ASP A 121 -5.49 -22.97 6.91
CA ASP A 121 -4.56 -22.39 5.95
C ASP A 121 -3.75 -23.46 5.24
N SER A 122 -3.46 -23.23 3.95
CA SER A 122 -2.70 -24.17 3.13
C SER A 122 -1.21 -23.96 3.36
N ALA A 123 -0.87 -22.77 3.85
CA ALA A 123 0.52 -22.40 4.13
C ALA A 123 0.65 -21.25 5.13
N PRO A 124 1.81 -21.16 5.81
CA PRO A 124 2.10 -20.11 6.79
C PRO A 124 1.98 -18.72 6.18
N ARG A 125 1.54 -17.77 6.99
CA ARG A 125 1.38 -16.39 6.54
C ARG A 125 2.70 -15.64 6.41
N GLU A 126 2.81 -14.86 5.34
CA GLU A 126 4.04 -14.14 5.04
C GLU A 126 4.43 -12.94 5.87
N LYS A 127 4.89 -13.18 7.08
CA LYS A 127 5.34 -12.06 7.89
C LYS A 127 6.50 -12.52 8.73
N SER A 128 7.54 -11.72 8.80
CA SER A 128 8.71 -12.10 9.57
C SER A 128 8.55 -11.91 11.07
N GLN A 129 9.34 -12.67 11.84
CA GLN A 129 9.31 -12.61 13.29
C GLN A 129 9.70 -11.19 13.68
N LYS A 130 10.72 -10.67 13.01
CA LYS A 130 11.23 -9.34 13.27
C LYS A 130 10.25 -8.23 12.96
N ALA A 131 9.44 -8.42 11.91
CA ALA A 131 8.45 -7.42 11.53
C ALA A 131 7.40 -7.27 12.63
N ILE A 132 7.03 -8.41 13.22
CA ILE A 132 6.04 -8.44 14.28
C ILE A 132 6.61 -7.85 15.55
N GLN A 133 7.89 -8.10 15.81
CA GLN A 133 8.52 -7.54 17.00
C GLN A 133 8.65 -6.06 16.96
N ASP A 134 8.91 -5.52 15.77
CA ASP A 134 9.00 -4.08 15.61
C ASP A 134 7.65 -3.40 15.89
N GLU A 135 6.55 -4.03 15.51
CA GLU A 135 5.26 -3.45 15.81
C GLU A 135 5.06 -3.48 17.31
N ILE A 136 5.36 -4.62 17.96
CA ILE A 136 5.24 -4.74 19.40
C ILE A 136 6.13 -3.73 20.14
N ARG A 137 7.37 -3.55 19.68
CA ARG A 137 8.26 -2.62 20.34
C ARG A 137 7.73 -1.20 20.33
N SER A 138 7.03 -0.87 19.25
CA SER A 138 6.39 0.43 19.03
C SER A 138 5.28 0.63 20.09
N VAL A 139 4.59 -0.44 20.47
CA VAL A 139 3.53 -0.38 21.49
C VAL A 139 4.15 -0.19 22.88
N ILE A 140 5.14 -1.00 23.19
CA ILE A 140 5.77 -0.88 24.48
C ILE A 140 6.40 0.50 24.74
N ARG A 141 6.97 1.14 23.72
CA ARG A 141 7.54 2.47 23.92
C ARG A 141 6.41 3.45 24.23
N GLN A 142 5.32 3.33 23.51
CA GLN A 142 4.21 4.23 23.76
C GLN A 142 3.72 4.03 25.19
N ILE A 143 3.62 2.78 25.61
CA ILE A 143 3.17 2.52 26.98
C ILE A 143 4.07 3.22 27.98
N THR A 144 5.36 3.29 27.66
CA THR A 144 6.32 3.97 28.51
C THR A 144 6.10 5.49 28.53
N ALA A 145 5.94 6.11 27.36
CA ALA A 145 5.76 7.58 27.22
C ALA A 145 4.47 8.06 27.87
N THR A 146 3.68 7.09 28.26
CA THR A 146 2.41 7.36 28.90
C THR A 146 2.56 8.03 30.27
N VAL A 147 3.71 7.83 30.94
CA VAL A 147 4.02 8.38 32.26
C VAL A 147 3.73 9.87 32.44
N THR A 148 4.18 10.72 31.53
CA THR A 148 3.93 12.14 31.69
C THR A 148 2.46 12.55 31.92
N PHE A 149 1.51 12.03 31.17
CA PHE A 149 0.14 12.48 31.39
C PHE A 149 -0.74 11.65 32.28
N LEU A 150 -0.41 10.39 32.47
CA LEU A 150 -1.25 9.62 33.35
C LEU A 150 -1.16 10.17 34.77
N PRO A 151 -2.27 10.08 35.52
CA PRO A 151 -2.36 10.54 36.91
C PRO A 151 -1.46 9.69 37.75
N LEU A 152 -0.72 10.31 38.67
CA LEU A 152 0.16 9.55 39.53
C LEU A 152 -0.71 8.65 40.41
N LEU A 153 -0.22 7.47 40.73
CA LEU A 153 -0.96 6.59 41.62
C LEU A 153 -0.29 6.73 43.01
N GLU A 154 -0.70 7.76 43.74
CA GLU A 154 -0.21 8.12 45.07
C GLU A 154 -0.42 7.04 46.16
N VAL A 155 -1.58 6.38 46.16
CA VAL A 155 -1.88 5.33 47.12
C VAL A 155 -1.31 3.97 46.72
N SER A 156 -1.54 2.99 47.58
CA SER A 156 -1.05 1.64 47.33
C SER A 156 -2.09 0.87 46.57
N CYS A 157 -1.70 0.37 45.42
CA CYS A 157 -2.60 -0.38 44.57
C CYS A 157 -2.27 -1.85 44.45
N SER A 158 -3.23 -2.57 43.88
CA SER A 158 -3.13 -4.00 43.60
C SER A 158 -3.68 -4.09 42.17
N PHE A 159 -3.61 -5.27 41.55
CA PHE A 159 -4.17 -5.39 40.22
C PHE A 159 -4.98 -6.66 40.08
N ASP A 160 -5.78 -6.73 39.02
CA ASP A 160 -6.55 -7.92 38.79
C ASP A 160 -6.57 -8.14 37.30
N LEU A 161 -6.64 -9.40 36.86
CA LEU A 161 -6.69 -9.75 35.45
C LEU A 161 -8.06 -10.21 35.07
N LEU A 162 -8.67 -9.53 34.09
CA LEU A 162 -9.98 -9.89 33.57
C LEU A 162 -9.85 -10.35 32.12
N ILE A 163 -10.62 -11.38 31.85
CA ILE A 163 -10.70 -12.04 30.54
C ILE A 163 -12.15 -11.89 30.13
N TYR A 164 -12.38 -11.67 28.85
CA TYR A 164 -13.72 -11.54 28.33
C TYR A 164 -13.84 -12.48 27.14
N THR A 165 -14.72 -13.47 27.22
CA THR A 165 -14.90 -14.44 26.12
C THR A 165 -16.37 -14.74 25.63
N ASP A 166 -16.59 -15.89 24.97
CA ASP A 166 -17.84 -16.41 24.48
C ASP A 166 -18.46 -17.42 25.48
N LYS A 167 -19.68 -17.05 25.87
CA LYS A 167 -20.47 -17.71 26.81
C LYS A 167 -20.56 -19.21 26.74
N ASP A 168 -19.67 -19.88 26.03
CA ASP A 168 -19.70 -21.32 26.06
C ASP A 168 -18.30 -21.83 26.28
N LEU A 169 -17.58 -21.19 27.20
CA LEU A 169 -16.22 -21.56 27.49
C LEU A 169 -16.20 -22.21 28.87
N VAL A 170 -15.59 -23.36 28.99
CA VAL A 170 -15.47 -24.02 30.28
C VAL A 170 -14.19 -23.50 30.94
N VAL A 171 -14.36 -22.59 31.88
CA VAL A 171 -13.19 -21.99 32.50
C VAL A 171 -12.73 -22.70 33.75
N PRO A 172 -11.40 -22.83 33.92
CA PRO A 172 -10.74 -23.50 35.05
C PRO A 172 -11.20 -22.94 36.39
N GLU A 173 -10.93 -23.69 37.45
CA GLU A 173 -11.35 -23.28 38.79
C GLU A 173 -10.78 -21.96 39.25
N LYS A 174 -9.50 -21.74 38.96
CA LYS A 174 -8.82 -20.51 39.33
C LYS A 174 -9.49 -19.23 38.78
N TRP A 175 -10.26 -19.38 37.71
CA TRP A 175 -10.95 -18.21 37.16
C TRP A 175 -12.35 -18.19 37.72
N GLU A 176 -12.80 -17.00 38.14
CA GLU A 176 -14.14 -16.79 38.70
C GLU A 176 -14.96 -15.80 37.90
N GLU A 177 -16.28 -15.96 37.94
CA GLU A 177 -17.14 -15.05 37.19
C GLU A 177 -16.92 -13.64 37.70
N SER A 178 -17.04 -12.63 36.83
CA SER A 178 -16.87 -11.23 37.24
C SER A 178 -17.59 -10.20 36.34
N GLY A 179 -17.34 -8.92 36.61
CA GLY A 179 -17.92 -7.83 35.82
C GLY A 179 -16.79 -7.09 35.12
N PRO A 180 -17.07 -6.10 34.24
CA PRO A 180 -16.03 -5.35 33.53
C PRO A 180 -15.16 -4.48 34.42
N GLN A 181 -15.69 -4.10 35.57
CA GLN A 181 -14.99 -3.26 36.54
C GLN A 181 -14.51 -1.92 35.97
N PHE A 182 -15.42 -1.23 35.29
CA PHE A 182 -15.13 0.06 34.69
C PHE A 182 -14.83 1.06 35.78
N ILE A 183 -14.10 2.11 35.43
CA ILE A 183 -13.81 3.15 36.39
C ILE A 183 -15.11 3.96 36.30
N THR A 184 -15.67 4.33 37.44
CA THR A 184 -16.92 5.09 37.46
C THR A 184 -16.93 6.39 36.64
N ASN A 185 -15.82 7.12 36.64
CA ASN A 185 -15.80 8.37 35.89
C ASN A 185 -14.44 8.61 35.22
N SER A 186 -14.32 8.42 33.91
CA SER A 186 -13.01 8.53 33.26
C SER A 186 -12.73 9.22 31.93
N GLU A 187 -11.45 9.13 31.57
CA GLU A 187 -10.83 9.64 30.34
C GLU A 187 -10.03 8.41 29.84
N GLU A 188 -9.74 8.34 28.56
CA GLU A 188 -9.01 7.20 28.01
C GLU A 188 -8.22 7.57 26.77
N VAL A 189 -7.12 6.88 26.56
CA VAL A 189 -6.28 7.12 25.41
C VAL A 189 -6.09 5.81 24.69
N ARG A 190 -6.40 5.85 23.40
CA ARG A 190 -6.29 4.69 22.54
C ARG A 190 -4.85 4.66 22.04
N LEU A 191 -4.20 3.52 22.27
CA LEU A 191 -2.81 3.27 21.90
C LEU A 191 -2.62 2.51 20.57
N ARG A 192 -1.37 2.19 20.26
CA ARG A 192 -1.05 1.46 19.05
C ARG A 192 -1.42 -0.02 19.15
N SER A 193 -1.43 -0.70 18.00
CA SER A 193 -1.75 -2.12 17.95
C SER A 193 -0.65 -2.85 17.16
N PHE A 194 -0.66 -4.18 17.17
CA PHE A 194 0.31 -4.96 16.41
C PHE A 194 -0.48 -6.15 15.93
N THR A 195 -0.01 -6.81 14.90
CA THR A 195 -0.77 -7.91 14.37
C THR A 195 0.12 -8.97 13.82
N THR A 196 -0.21 -10.25 14.02
CA THR A 196 0.61 -11.33 13.46
C THR A 196 -0.02 -11.81 12.17
N THR A 197 -0.96 -11.01 11.69
CA THR A 197 -1.73 -11.32 10.49
C THR A 197 -2.77 -12.39 10.83
N ILE A 198 -2.70 -12.97 12.03
CA ILE A 198 -3.68 -13.97 12.45
C ILE A 198 -4.43 -13.43 13.66
N HIS A 199 -3.68 -12.76 14.54
CA HIS A 199 -4.26 -12.12 15.70
C HIS A 199 -3.90 -10.64 15.65
N LYS A 200 -4.82 -9.80 16.12
CA LYS A 200 -4.56 -8.38 16.18
C LYS A 200 -4.90 -7.89 17.60
N VAL A 201 -3.94 -7.18 18.20
CA VAL A 201 -4.10 -6.66 19.55
C VAL A 201 -4.12 -5.14 19.63
N ASN A 202 -5.20 -4.60 20.17
CA ASN A 202 -5.37 -3.16 20.30
C ASN A 202 -5.26 -2.81 21.76
N SER A 203 -4.42 -1.83 22.10
CA SER A 203 -4.23 -1.49 23.51
C SER A 203 -4.83 -0.14 23.81
N MET A 204 -5.27 0.07 25.05
CA MET A 204 -5.79 1.37 25.44
C MET A 204 -5.78 1.49 26.95
N VAL A 205 -5.66 2.71 27.43
CA VAL A 205 -5.63 2.94 28.86
C VAL A 205 -6.59 4.03 29.35
N ALA A 206 -7.36 3.67 30.37
CA ALA A 206 -8.34 4.55 30.98
C ALA A 206 -7.94 4.91 32.41
N TYR A 207 -8.15 6.16 32.79
CA TYR A 207 -7.82 6.59 34.13
C TYR A 207 -8.93 7.42 34.73
N LYS A 208 -9.05 7.40 36.06
CA LYS A 208 -10.08 8.19 36.74
C LYS A 208 -9.74 9.65 36.56
N ILE A 209 -10.74 10.48 36.28
CA ILE A 209 -10.48 11.90 36.10
C ILE A 209 -10.13 12.56 37.43
N PRO A 210 -8.92 13.14 37.51
CA PRO A 210 -8.44 13.80 38.72
C PRO A 210 -9.50 14.62 39.40
N VAL A 211 -9.65 14.40 40.69
CA VAL A 211 -10.61 15.13 41.51
C VAL A 211 -9.86 15.96 42.56
N ASN A 212 -10.43 17.11 42.91
CA ASN A 212 -9.85 18.05 43.89
C ASN A 212 -8.55 18.69 43.40
N ASP A 213 -7.66 17.93 42.92
N SER B 1 -19.28 -12.64 28.29
CA SER B 1 -18.92 -13.13 29.67
C SER B 1 -17.50 -12.80 30.19
N TRP B 2 -17.42 -12.21 31.39
CA TRP B 2 -16.17 -11.85 32.07
C TRP B 2 -15.75 -12.88 33.13
N TYR B 3 -14.44 -13.07 33.25
CA TYR B 3 -13.91 -14.00 34.23
C TYR B 3 -12.65 -13.38 34.81
N SER B 4 -12.44 -13.57 36.09
CA SER B 4 -11.28 -13.01 36.77
C SER B 4 -10.41 -14.06 37.42
N TYR B 5 -9.13 -13.77 37.47
CA TYR B 5 -8.19 -14.67 38.10
C TYR B 5 -7.18 -13.75 38.77
N PRO B 6 -7.39 -13.45 40.06
CA PRO B 6 -6.53 -12.57 40.88
C PRO B 6 -5.17 -13.11 41.27
N PRO B 7 -4.17 -12.22 41.28
CA PRO B 7 -2.82 -12.65 41.65
C PRO B 7 -2.69 -12.92 43.13
N PRO B 8 -1.55 -13.48 43.57
CA PRO B 8 -1.38 -13.76 44.99
C PRO B 8 -1.56 -12.50 45.88
N GLN B 9 -2.23 -12.64 47.02
CA GLN B 9 -2.53 -11.54 47.95
C GLN B 9 -1.29 -11.06 48.64
N ARG B 10 -0.65 -10.04 48.08
CA ARG B 10 0.55 -9.43 48.67
C ARG B 10 0.26 -8.95 50.10
N ALA B 11 -0.93 -8.95 50.49
N HIS C 3 -7.93 -3.89 6.16
CA HIS C 3 -7.44 -2.68 6.66
C HIS C 3 -7.70 -1.63 5.47
N HIS C 4 -6.85 -0.63 5.17
CA HIS C 4 -7.24 0.34 4.06
C HIS C 4 -6.20 1.44 3.82
N HIS C 5 -6.30 1.91 2.64
CA HIS C 5 -5.39 3.07 2.59
C HIS C 5 -5.16 4.57 2.62
N HIS C 6 -6.01 5.44 3.18
CA HIS C 6 -5.92 6.99 3.13
C HIS C 6 -6.64 7.39 4.42
N HIS C 7 -5.84 7.23 5.41
CA HIS C 7 -6.23 7.50 6.70
C HIS C 7 -6.48 8.96 6.94
N GLY C 8 -5.67 9.87 6.40
CA GLY C 8 -5.82 11.30 6.64
C GLY C 8 -4.80 11.73 7.68
N SER C 9 -4.86 12.96 8.20
CA SER C 9 -3.88 13.42 9.20
C SER C 9 -4.05 12.69 10.53
N ALA C 10 -2.95 12.16 11.06
CA ALA C 10 -3.02 11.47 12.35
C ALA C 10 -3.43 12.46 13.42
N LEU C 11 -2.95 13.70 13.33
CA LEU C 11 -3.37 14.67 14.34
C LEU C 11 -4.91 14.85 14.25
N GLN C 12 -5.46 15.15 13.07
CA GLN C 12 -6.93 15.33 12.96
C GLN C 12 -7.64 14.10 13.59
N LEU C 13 -7.18 12.91 13.22
CA LEU C 13 -7.72 11.65 13.70
C LEU C 13 -7.69 11.48 15.23
N SER C 14 -6.62 11.94 15.86
CA SER C 14 -6.56 11.81 17.30
C SER C 14 -7.68 12.62 17.94
N ARG C 15 -8.13 13.68 17.28
CA ARG C 15 -9.18 14.48 17.86
C ARG C 15 -10.56 13.92 17.49
N GLU C 16 -10.68 13.40 16.28
CA GLU C 16 -11.96 12.88 15.78
C GLU C 16 -12.28 11.47 16.18
N GLN C 17 -11.25 10.76 16.65
CA GLN C 17 -11.44 9.38 17.08
C GLN C 17 -11.71 8.41 15.95
N GLY C 18 -12.62 8.73 15.04
CA GLY C 18 -12.87 7.79 13.96
C GLY C 18 -14.23 7.85 13.33
N ILE C 19 -14.51 6.87 12.48
CA ILE C 19 -15.79 6.78 11.76
C ILE C 19 -16.67 5.69 12.33
N THR C 20 -17.89 6.02 12.70
CA THR C 20 -18.78 5.00 13.23
C THR C 20 -19.84 4.71 12.22
N LEU C 21 -20.49 3.55 12.37
CA LEU C 21 -21.56 3.13 11.47
C LEU C 21 -22.60 4.19 11.27
N ARG C 22 -22.96 4.89 12.34
CA ARG C 22 -23.96 5.94 12.23
C ARG C 22 -23.37 7.16 11.50
N GLY C 23 -22.17 7.56 11.93
CA GLY C 23 -21.51 8.69 11.31
C GLY C 23 -21.34 8.48 9.81
N SER C 24 -21.08 7.24 9.42
CA SER C 24 -20.88 6.89 8.02
C SER C 24 -22.18 7.09 7.28
N ALA C 25 -23.27 6.70 7.93
CA ALA C 25 -24.55 6.81 7.27
C ALA C 25 -24.88 8.25 6.95
N GLU C 26 -24.50 9.16 7.85
CA GLU C 26 -24.79 10.57 7.66
C GLU C 26 -23.98 11.13 6.53
N ILE C 27 -22.71 10.74 6.48
CA ILE C 27 -21.86 11.24 5.46
C ILE C 27 -22.38 10.83 4.09
N VAL C 28 -22.77 9.57 3.96
CA VAL C 28 -23.27 9.11 2.69
C VAL C 28 -24.60 9.76 2.31
N ALA C 29 -25.50 9.82 3.26
CA ALA C 29 -26.78 10.43 3.00
C ALA C 29 -26.56 11.88 2.61
N GLU C 30 -25.67 12.56 3.34
CA GLU C 30 -25.40 13.96 3.05
C GLU C 30 -24.93 14.13 1.59
N PHE C 31 -24.13 13.19 1.10
CA PHE C 31 -23.61 13.21 -0.26
C PHE C 31 -24.70 13.13 -1.36
N PHE C 32 -25.68 12.27 -1.14
CA PHE C 32 -26.73 12.11 -2.14
C PHE C 32 -27.52 13.41 -2.27
N SER C 33 -27.57 14.12 -1.17
CA SER C 33 -28.24 15.38 -1.14
C SER C 33 -27.48 16.36 -2.06
N PHE C 34 -26.17 16.48 -1.91
CA PHE C 34 -25.47 17.40 -2.79
C PHE C 34 -25.33 16.79 -4.17
N GLY C 35 -25.18 15.48 -4.22
CA GLY C 35 -25.06 14.82 -5.51
C GLY C 35 -26.25 15.14 -6.39
N ILE C 36 -27.45 14.83 -5.88
CA ILE C 36 -28.67 15.10 -6.63
C ILE C 36 -28.81 16.57 -7.01
N ASN C 37 -28.59 17.44 -6.04
CA ASN C 37 -28.69 18.85 -6.33
C ASN C 37 -27.81 19.13 -7.54
N SER C 38 -26.59 18.61 -7.53
CA SER C 38 -25.64 18.90 -8.61
C SER C 38 -26.05 18.41 -9.95
N ILE C 39 -26.63 17.24 -9.97
CA ILE C 39 -27.06 16.72 -11.24
C ILE C 39 -28.23 17.56 -11.75
N LEU C 40 -29.18 17.87 -10.86
CA LEU C 40 -30.37 18.65 -11.24
C LEU C 40 -29.99 20.02 -11.76
N TYR C 41 -28.90 20.56 -11.23
CA TYR C 41 -28.45 21.86 -11.68
C TYR C 41 -27.61 21.87 -12.97
N GLN C 42 -26.63 20.97 -13.06
CA GLN C 42 -25.75 20.94 -14.22
C GLN C 42 -26.41 20.34 -15.44
N ARG C 43 -27.36 19.45 -15.20
CA ARG C 43 -28.07 18.82 -16.29
C ARG C 43 -29.27 19.65 -16.60
N GLY C 44 -29.30 20.83 -15.99
CA GLY C 44 -30.38 21.77 -16.21
C GLY C 44 -31.78 21.19 -16.12
N ILE C 45 -32.01 20.36 -15.12
CA ILE C 45 -33.35 19.77 -14.95
C ILE C 45 -34.34 20.84 -14.40
N TYR C 46 -33.80 21.90 -13.84
CA TYR C 46 -34.57 22.98 -13.30
C TYR C 46 -33.76 24.21 -13.60
N PRO C 47 -34.41 25.37 -13.64
CA PRO C 47 -33.79 26.68 -13.93
C PRO C 47 -32.58 26.96 -13.08
N SER C 48 -31.56 27.52 -13.67
CA SER C 48 -30.36 27.81 -12.91
C SER C 48 -30.57 28.88 -11.86
N GLU C 49 -31.47 29.81 -12.13
CA GLU C 49 -31.69 30.87 -11.18
C GLU C 49 -32.37 30.32 -9.95
N THR C 50 -32.84 29.08 -10.08
CA THR C 50 -33.51 28.36 -8.99
C THR C 50 -32.57 27.94 -7.87
N PHE C 51 -31.28 27.86 -8.17
CA PHE C 51 -30.32 27.38 -7.19
C PHE C 51 -29.53 28.49 -6.56
N THR C 52 -28.77 28.13 -5.54
CA THR C 52 -27.95 29.07 -4.80
C THR C 52 -26.59 28.44 -4.46
N ARG C 53 -25.59 29.30 -4.34
CA ARG C 53 -24.23 28.90 -4.03
C ARG C 53 -24.06 28.51 -2.57
N VAL C 54 -23.19 27.54 -2.31
CA VAL C 54 -22.88 27.11 -0.96
C VAL C 54 -21.50 26.49 -0.98
N GLN C 55 -20.86 26.48 0.17
CA GLN C 55 -19.54 25.88 0.28
C GLN C 55 -19.66 24.49 0.92
N LYS C 56 -19.10 23.49 0.26
CA LYS C 56 -19.15 22.14 0.78
C LYS C 56 -18.04 21.31 0.10
N TYR C 57 -17.46 20.39 0.84
CA TYR C 57 -16.41 19.55 0.30
C TYR C 57 -15.28 20.38 -0.32
N GLY C 58 -15.17 21.61 0.14
CA GLY C 58 -14.10 22.45 -0.35
C GLY C 58 -14.35 22.95 -1.75
N LEU C 59 -15.62 22.93 -2.15
CA LEU C 59 -16.05 23.41 -3.46
C LEU C 59 -17.23 24.35 -3.32
N THR C 60 -17.58 25.00 -4.43
CA THR C 60 -18.73 25.87 -4.42
C THR C 60 -19.75 25.04 -5.14
N LEU C 61 -20.79 24.63 -4.44
CA LEU C 61 -21.83 23.84 -5.05
C LEU C 61 -23.10 24.66 -5.13
N LEU C 62 -24.08 24.19 -5.88
CA LEU C 62 -25.37 24.86 -6.02
C LEU C 62 -26.50 23.97 -5.55
N VAL C 63 -27.39 24.51 -4.74
CA VAL C 63 -28.49 23.72 -4.22
C VAL C 63 -29.81 24.43 -4.49
N THR C 64 -30.88 23.66 -4.61
CA THR C 64 -32.18 24.28 -4.88
C THR C 64 -32.62 25.26 -3.81
N THR C 65 -33.46 26.19 -4.23
CA THR C 65 -34.02 27.25 -3.41
C THR C 65 -35.52 26.98 -3.35
N ASP C 66 -35.99 26.06 -4.17
CA ASP C 66 -37.39 25.70 -4.20
C ASP C 66 -37.79 24.99 -2.90
N LEU C 67 -38.64 25.66 -2.12
CA LEU C 67 -39.11 25.11 -0.86
C LEU C 67 -39.59 23.68 -0.99
N GLU C 68 -40.53 23.43 -1.91
CA GLU C 68 -41.07 22.08 -2.12
C GLU C 68 -39.97 21.06 -2.39
N LEU C 69 -39.04 21.43 -3.27
CA LEU C 69 -37.93 20.56 -3.63
C LEU C 69 -37.02 20.35 -2.41
N ILE C 70 -36.71 21.45 -1.71
CA ILE C 70 -35.91 21.36 -0.50
C ILE C 70 -36.58 20.41 0.51
N LYS C 71 -37.87 20.60 0.75
CA LYS C 71 -38.57 19.69 1.64
C LYS C 71 -38.46 18.23 1.13
N TYR C 72 -38.54 18.00 -0.19
CA TYR C 72 -38.49 16.64 -0.79
C TYR C 72 -37.17 15.92 -0.59
N LEU C 73 -36.10 16.60 -0.93
CA LEU C 73 -34.78 16.03 -0.77
C LEU C 73 -34.53 15.63 0.66
N ASN C 74 -34.96 16.45 1.62
CA ASN C 74 -34.74 16.09 3.03
C ASN C 74 -35.41 14.77 3.44
N ASN C 75 -36.65 14.54 3.02
CA ASN C 75 -37.33 13.31 3.37
C ASN C 75 -36.50 12.19 2.81
N VAL C 76 -36.06 12.34 1.56
CA VAL C 76 -35.26 11.31 0.92
C VAL C 76 -34.00 11.04 1.72
N VAL C 77 -33.30 12.11 2.07
CA VAL C 77 -32.06 12.02 2.84
C VAL C 77 -32.22 11.34 4.21
N GLU C 78 -33.16 11.83 5.00
CA GLU C 78 -33.45 11.29 6.32
C GLU C 78 -33.83 9.81 6.27
N GLN C 79 -34.57 9.42 5.23
CA GLN C 79 -35.00 8.06 5.02
C GLN C 79 -33.78 7.27 4.62
N LEU C 80 -33.02 7.84 3.67
CA LEU C 80 -31.78 7.22 3.14
C LEU C 80 -30.85 6.94 4.31
N LYS C 81 -30.85 7.86 5.25
CA LYS C 81 -30.02 7.77 6.44
C LYS C 81 -30.40 6.54 7.26
N ASP C 82 -31.68 6.27 7.46
CA ASP C 82 -32.12 5.08 8.22
C ASP C 82 -31.71 3.79 7.50
N TRP C 83 -32.01 3.73 6.21
CA TRP C 83 -31.70 2.55 5.45
C TRP C 83 -30.21 2.24 5.44
N LEU C 84 -29.38 3.28 5.41
CA LEU C 84 -27.93 3.10 5.37
C LEU C 84 -27.40 2.56 6.69
N TYR C 85 -27.99 3.01 7.79
CA TYR C 85 -27.56 2.53 9.10
C TYR C 85 -27.73 1.02 9.20
N LYS C 86 -28.78 0.51 8.59
CA LYS C 86 -29.10 -0.92 8.61
C LYS C 86 -28.60 -1.65 7.36
N CYS C 87 -27.90 -0.96 6.47
CA CYS C 87 -27.41 -1.59 5.24
C CYS C 87 -28.56 -2.17 4.41
N SER C 88 -29.59 -1.36 4.18
CA SER C 88 -30.75 -1.83 3.42
C SER C 88 -30.83 -1.38 1.96
N VAL C 89 -30.16 -0.29 1.62
CA VAL C 89 -30.23 0.21 0.26
C VAL C 89 -28.98 -0.09 -0.54
N GLN C 90 -29.13 -0.81 -1.65
CA GLN C 90 -28.01 -1.22 -2.51
C GLN C 90 -27.69 -0.28 -3.67
N LYS C 91 -28.70 0.43 -4.17
CA LYS C 91 -28.52 1.38 -5.27
C LYS C 91 -29.48 2.57 -5.10
N LEU C 92 -29.07 3.73 -5.62
CA LEU C 92 -29.85 4.96 -5.58
C LEU C 92 -29.72 5.41 -7.02
N VAL C 93 -30.83 5.70 -7.68
CA VAL C 93 -30.75 6.09 -9.10
C VAL C 93 -31.56 7.30 -9.45
N VAL C 94 -30.94 8.25 -10.12
CA VAL C 94 -31.64 9.46 -10.58
C VAL C 94 -31.99 9.24 -12.06
N VAL C 95 -33.27 9.04 -12.36
CA VAL C 95 -33.69 8.81 -13.73
C VAL C 95 -34.15 10.11 -14.39
N ILE C 96 -33.58 10.42 -15.55
CA ILE C 96 -33.94 11.65 -16.25
C ILE C 96 -34.67 11.33 -17.54
N SER C 97 -35.89 11.86 -17.69
CA SER C 97 -36.69 11.61 -18.89
C SER C 97 -37.47 12.78 -19.47
N ASN C 98 -37.94 12.61 -20.71
CA ASN C 98 -38.68 13.61 -21.47
C ASN C 98 -39.98 13.89 -20.73
N ILE C 99 -40.17 15.15 -20.30
CA ILE C 99 -41.36 15.55 -19.55
C ILE C 99 -42.66 15.26 -20.26
N GLU C 100 -42.61 15.16 -21.59
CA GLU C 100 -43.80 14.88 -22.38
C GLU C 100 -43.90 13.42 -22.73
N SER C 101 -42.99 12.93 -23.57
CA SER C 101 -43.02 11.53 -23.96
C SER C 101 -42.85 10.52 -22.80
N GLY C 102 -41.83 10.72 -21.97
CA GLY C 102 -41.60 9.80 -20.88
C GLY C 102 -40.37 8.97 -21.20
N GLU C 103 -39.82 9.21 -22.37
CA GLU C 103 -38.64 8.50 -22.77
C GLU C 103 -37.51 8.82 -21.79
N VAL C 104 -36.86 7.79 -21.26
CA VAL C 104 -35.73 7.96 -20.36
C VAL C 104 -34.52 8.41 -21.20
N LEU C 105 -33.86 9.49 -20.82
CA LEU C 105 -32.72 9.98 -21.60
C LEU C 105 -31.34 9.90 -20.96
N GLU C 106 -31.29 9.95 -19.64
CA GLU C 106 -30.01 9.94 -18.97
C GLU C 106 -30.31 9.26 -17.65
N ARG C 107 -29.37 8.52 -17.10
CA ARG C 107 -29.61 7.78 -15.85
C ARG C 107 -28.37 7.75 -14.99
N TRP C 108 -28.41 8.36 -13.81
CA TRP C 108 -27.24 8.34 -12.93
C TRP C 108 -27.41 7.23 -11.91
N GLN C 109 -26.45 6.31 -11.87
CA GLN C 109 -26.56 5.18 -10.94
C GLN C 109 -25.49 5.12 -9.86
N PHE C 110 -25.94 5.04 -8.60
CA PHE C 110 -25.04 4.94 -7.44
C PHE C 110 -25.17 3.58 -6.76
N ASP C 111 -24.07 2.81 -6.75
CA ASP C 111 -24.03 1.48 -6.15
C ASP C 111 -23.46 1.60 -4.76
N ILE C 112 -24.20 1.10 -3.78
CA ILE C 112 -23.74 1.22 -2.40
C ILE C 112 -23.25 -0.10 -1.83
N GLU C 113 -22.08 -0.06 -1.20
CA GLU C 113 -21.46 -1.26 -0.63
C GLU C 113 -21.34 -0.96 0.85
N CYS C 114 -21.91 -1.82 1.70
CA CYS C 114 -21.86 -1.57 3.14
C CYS C 114 -21.19 -2.74 3.88
N ASP C 115 -20.55 -2.46 5.01
CA ASP C 115 -19.92 -3.51 5.79
C ASP C 115 -20.88 -4.02 6.87
N LYS C 116 -21.42 -5.20 6.64
CA LYS C 116 -22.37 -5.83 7.53
C LYS C 116 -21.89 -5.96 8.97
N THR C 117 -20.58 -6.12 9.16
CA THR C 117 -19.97 -6.30 10.49
C THR C 117 -19.63 -5.01 11.24
N ALA C 118 -19.64 -3.87 10.55
CA ALA C 118 -19.32 -2.62 11.22
C ALA C 118 -20.14 -2.39 12.51
N LYS C 119 -21.38 -2.86 12.54
CA LYS C 119 -22.21 -2.65 13.72
C LYS C 119 -21.66 -3.29 14.98
N ASP C 120 -20.65 -4.15 14.82
CA ASP C 120 -20.02 -4.83 15.96
C ASP C 120 -18.55 -4.47 16.14
N ASP C 121 -18.22 -3.22 15.88
CA ASP C 121 -16.83 -2.77 16.01
C ASP C 121 -16.49 -2.44 17.44
N SER C 122 -15.25 -2.70 17.83
CA SER C 122 -14.81 -2.37 19.18
C SER C 122 -14.42 -0.90 19.27
N ALA C 123 -14.08 -0.31 18.13
CA ALA C 123 -13.70 1.11 18.08
C ALA C 123 -13.89 1.69 16.69
N PRO C 124 -14.10 3.01 16.62
CA PRO C 124 -14.30 3.75 15.37
C PRO C 124 -13.15 3.49 14.40
N ARG C 125 -13.45 3.46 13.11
CA ARG C 125 -12.43 3.21 12.10
C ARG C 125 -11.57 4.41 11.83
N GLU C 126 -10.31 4.13 11.56
CA GLU C 126 -9.34 5.16 11.33
C GLU C 126 -9.35 5.90 10.02
N LYS C 127 -10.24 6.88 9.88
CA LYS C 127 -10.22 7.67 8.67
C LYS C 127 -10.69 9.04 9.03
N SER C 128 -9.98 10.07 8.56
CA SER C 128 -10.38 11.42 8.91
C SER C 128 -11.58 11.93 8.11
N GLN C 129 -12.27 12.91 8.69
CA GLN C 129 -13.40 13.47 8.02
C GLN C 129 -12.86 14.01 6.70
N LYS C 130 -11.83 14.84 6.80
CA LYS C 130 -11.20 15.47 5.64
C LYS C 130 -10.75 14.48 4.55
N ALA C 131 -10.30 13.30 4.95
CA ALA C 131 -9.87 12.33 3.95
C ALA C 131 -11.07 11.90 3.11
N ILE C 132 -12.20 11.66 3.76
CA ILE C 132 -13.42 11.28 3.08
C ILE C 132 -13.98 12.42 2.23
N GLN C 133 -13.81 13.66 2.66
CA GLN C 133 -14.30 14.76 1.85
C GLN C 133 -13.46 14.94 0.58
N ASP C 134 -12.16 14.75 0.68
CA ASP C 134 -11.31 14.89 -0.50
C ASP C 134 -11.68 13.84 -1.55
N GLU C 135 -12.17 12.68 -1.12
CA GLU C 135 -12.54 11.66 -2.08
C GLU C 135 -13.83 12.11 -2.71
N ILE C 136 -14.80 12.56 -1.90
CA ILE C 136 -16.06 13.02 -2.47
C ILE C 136 -15.85 14.19 -3.45
N ARG C 137 -15.00 15.13 -3.06
CA ARG C 137 -14.73 16.29 -3.90
C ARG C 137 -14.21 15.86 -5.25
N SER C 138 -13.52 14.74 -5.23
CA SER C 138 -12.94 14.16 -6.42
C SER C 138 -14.05 13.69 -7.35
N VAL C 139 -15.10 13.14 -6.74
CA VAL C 139 -16.23 12.66 -7.53
C VAL C 139 -17.00 13.82 -8.15
N ILE C 140 -17.33 14.82 -7.34
CA ILE C 140 -18.08 15.97 -7.81
C ILE C 140 -17.39 16.74 -8.96
N ARG C 141 -16.07 16.82 -8.93
CA ARG C 141 -15.41 17.54 -10.02
C ARG C 141 -15.57 16.77 -11.32
N GLN C 142 -15.42 15.45 -11.27
CA GLN C 142 -15.55 14.61 -12.44
C GLN C 142 -17.00 14.74 -12.94
N ILE C 143 -17.96 14.72 -12.03
CA ILE C 143 -19.35 14.85 -12.46
C ILE C 143 -19.45 16.16 -13.29
N THR C 144 -18.78 17.20 -12.83
CA THR C 144 -18.80 18.47 -13.54
C THR C 144 -18.18 18.41 -14.94
N ALA C 145 -16.98 17.84 -15.04
CA ALA C 145 -16.28 17.69 -16.31
C ALA C 145 -17.08 16.93 -17.36
N THR C 146 -18.09 16.24 -16.86
CA THR C 146 -18.94 15.41 -17.67
C THR C 146 -19.66 16.16 -18.75
N VAL C 147 -19.82 17.47 -18.53
CA VAL C 147 -20.52 18.33 -19.45
C VAL C 147 -20.13 18.27 -20.90
N THR C 148 -18.85 18.27 -21.17
CA THR C 148 -18.45 18.27 -22.55
C THR C 148 -18.94 17.13 -23.39
N PHE C 149 -18.84 15.88 -22.94
CA PHE C 149 -19.28 14.75 -23.76
C PHE C 149 -20.72 14.28 -23.61
N LEU C 150 -21.39 14.63 -22.53
CA LEU C 150 -22.76 14.16 -22.37
C LEU C 150 -23.63 14.83 -23.41
N PRO C 151 -24.66 14.13 -23.89
CA PRO C 151 -25.54 14.72 -24.88
C PRO C 151 -26.35 15.85 -24.25
N LEU C 152 -26.52 16.95 -24.97
CA LEU C 152 -27.31 18.05 -24.42
C LEU C 152 -28.77 17.61 -24.30
N LEU C 153 -29.43 18.03 -23.24
CA LEU C 153 -30.84 17.70 -23.02
C LEU C 153 -31.68 18.89 -23.50
N GLU C 154 -31.84 18.94 -24.82
CA GLU C 154 -32.60 19.95 -25.55
C GLU C 154 -34.06 20.10 -25.09
N VAL C 155 -34.74 18.99 -24.84
CA VAL C 155 -36.13 19.00 -24.41
C VAL C 155 -36.30 19.29 -22.91
N SER C 156 -37.54 19.39 -22.47
CA SER C 156 -37.86 19.63 -21.06
C SER C 156 -37.92 18.29 -20.36
N CYS C 157 -37.13 18.15 -19.28
CA CYS C 157 -37.11 16.89 -18.55
C CYS C 157 -37.57 16.98 -17.11
N SER C 158 -37.77 15.82 -16.52
CA SER C 158 -38.18 15.69 -15.14
C SER C 158 -37.28 14.59 -14.62
N PHE C 159 -37.31 14.35 -13.32
CA PHE C 159 -36.45 13.32 -12.76
C PHE C 159 -37.17 12.46 -11.76
N ASP C 160 -36.62 11.29 -11.48
CA ASP C 160 -37.20 10.40 -10.51
C ASP C 160 -36.07 9.75 -9.70
N LEU C 161 -36.32 9.42 -8.42
CA LEU C 161 -35.32 8.75 -7.60
C LEU C 161 -35.72 7.32 -7.43
N LEU C 162 -34.84 6.41 -7.79
CA LEU C 162 -35.12 5.00 -7.59
C LEU C 162 -34.21 4.45 -6.51
N ILE C 163 -34.74 3.56 -5.69
CA ILE C 163 -34.00 2.93 -4.61
C ILE C 163 -34.06 1.43 -4.89
N TYR C 164 -32.99 0.69 -4.58
CA TYR C 164 -32.99 -0.74 -4.82
C TYR C 164 -32.51 -1.40 -3.56
N THR C 165 -33.36 -2.27 -3.03
CA THR C 165 -33.07 -2.96 -1.77
C THR C 165 -33.37 -4.44 -1.69
N ASP C 166 -33.31 -4.94 -0.44
CA ASP C 166 -33.61 -6.35 -0.11
C ASP C 166 -35.13 -6.60 0.18
N LYS C 167 -35.61 -7.58 -0.58
CA LYS C 167 -36.99 -7.96 -0.55
C LYS C 167 -37.76 -8.15 0.75
N ASP C 168 -37.19 -7.66 1.84
CA ASP C 168 -37.83 -7.73 3.13
C ASP C 168 -37.75 -6.40 3.88
N LEU C 169 -37.91 -5.33 3.13
CA LEU C 169 -37.89 -4.01 3.70
C LEU C 169 -39.30 -3.41 3.67
N VAL C 170 -39.73 -2.86 4.79
CA VAL C 170 -41.06 -2.26 4.87
C VAL C 170 -40.97 -0.78 4.49
N VAL C 171 -41.27 -0.48 3.23
CA VAL C 171 -41.13 0.89 2.75
C VAL C 171 -42.32 1.72 2.99
N PRO C 172 -42.13 2.99 3.37
CA PRO C 172 -43.16 4.00 3.65
C PRO C 172 -44.17 4.16 2.49
N GLU C 173 -45.27 4.87 2.74
CA GLU C 173 -46.28 5.05 1.70
C GLU C 173 -45.80 5.86 0.51
N LYS C 174 -45.04 6.92 0.77
CA LYS C 174 -44.54 7.79 -0.28
C LYS C 174 -43.74 7.05 -1.36
N TRP C 175 -43.17 5.90 -1.00
CA TRP C 175 -42.41 5.09 -1.95
C TRP C 175 -43.32 4.04 -2.59
N GLU C 176 -43.25 3.91 -3.91
CA GLU C 176 -44.07 2.95 -4.62
C GLU C 176 -43.22 1.96 -5.40
N GLU C 177 -43.72 0.74 -5.55
CA GLU C 177 -43.01 -0.31 -6.28
C GLU C 177 -42.70 0.20 -7.68
N SER C 178 -41.51 -0.13 -8.19
CA SER C 178 -41.08 0.27 -9.54
C SER C 178 -40.13 -0.70 -10.28
N GLY C 179 -39.64 -0.28 -11.43
CA GLY C 179 -38.71 -1.12 -12.18
C GLY C 179 -37.39 -0.37 -12.23
N PRO C 180 -36.35 -0.89 -12.88
CA PRO C 180 -35.05 -0.22 -12.97
C PRO C 180 -35.11 0.97 -13.92
N GLN C 181 -36.05 0.93 -14.85
CA GLN C 181 -36.18 2.04 -15.77
C GLN C 181 -34.92 2.35 -16.54
N PHE C 182 -34.35 1.31 -17.14
CA PHE C 182 -33.15 1.45 -17.96
C PHE C 182 -33.40 2.21 -19.25
N ILE C 183 -32.32 2.76 -19.82
CA ILE C 183 -32.42 3.47 -21.09
C ILE C 183 -32.43 2.38 -22.16
N THR C 184 -33.47 2.36 -23.00
CA THR C 184 -33.59 1.31 -24.01
C THR C 184 -32.34 1.03 -24.84
N ASN C 185 -31.52 2.05 -25.10
CA ASN C 185 -30.33 1.89 -25.93
C ASN C 185 -29.23 2.91 -25.57
N SER C 186 -28.19 2.46 -24.87
CA SER C 186 -27.21 3.42 -24.37
C SER C 186 -25.72 3.18 -24.36
N GLU C 187 -25.04 4.22 -23.86
CA GLU C 187 -23.60 4.26 -23.63
C GLU C 187 -23.48 4.68 -22.16
N GLU C 188 -22.36 4.37 -21.52
CA GLU C 188 -22.21 4.72 -20.11
C GLU C 188 -20.77 4.97 -19.67
N VAL C 189 -20.59 5.85 -18.71
CA VAL C 189 -19.26 6.06 -18.22
C VAL C 189 -19.24 5.78 -16.71
N ARG C 190 -18.30 4.95 -16.29
CA ARG C 190 -18.18 4.60 -14.89
C ARG C 190 -17.36 5.75 -14.32
N LEU C 191 -17.77 6.26 -13.16
CA LEU C 191 -17.08 7.36 -12.51
C LEU C 191 -16.29 6.91 -11.28
N ARG C 192 -15.70 7.87 -10.59
CA ARG C 192 -14.91 7.58 -9.40
C ARG C 192 -15.81 7.19 -8.24
N SER C 193 -15.22 6.71 -7.15
CA SER C 193 -15.99 6.33 -5.98
C SER C 193 -15.38 6.99 -4.75
N PHE C 194 -15.99 6.81 -3.59
CA PHE C 194 -15.40 7.31 -2.36
C PHE C 194 -15.79 6.27 -1.30
N THR C 195 -15.12 6.25 -0.17
CA THR C 195 -15.48 5.26 0.84
C THR C 195 -15.27 5.79 2.26
N THR C 196 -16.15 5.44 3.20
CA THR C 196 -15.98 5.88 4.59
C THR C 196 -15.29 4.77 5.40
N THR C 197 -14.88 3.72 4.69
CA THR C 197 -14.29 2.50 5.24
C THR C 197 -15.42 1.62 5.80
N ILE C 198 -16.65 2.11 5.78
CA ILE C 198 -17.82 1.33 6.23
C ILE C 198 -18.80 1.23 5.05
N HIS C 199 -18.95 2.33 4.32
CA HIS C 199 -19.80 2.40 3.14
C HIS C 199 -18.94 2.81 1.96
N LYS C 200 -19.24 2.25 0.79
CA LYS C 200 -18.52 2.60 -0.43
C LYS C 200 -19.54 2.97 -1.53
N VAL C 201 -19.33 4.12 -2.15
CA VAL C 201 -20.25 4.57 -3.19
C VAL C 201 -19.59 4.69 -4.55
N ASN C 202 -20.15 3.96 -5.51
CA ASN C 202 -19.69 3.95 -6.88
C ASN C 202 -20.71 4.73 -7.73
N SER C 203 -20.18 5.62 -8.56
CA SER C 203 -21.03 6.45 -9.40
C SER C 203 -20.81 6.16 -10.87
N MET C 204 -21.86 6.32 -11.68
CA MET C 204 -21.77 6.12 -13.12
C MET C 204 -22.96 6.77 -13.82
N VAL C 205 -22.76 7.15 -15.07
CA VAL C 205 -23.83 7.80 -15.80
C VAL C 205 -24.05 7.14 -17.15
N ALA C 206 -25.31 6.88 -17.48
CA ALA C 206 -25.65 6.29 -18.76
C ALA C 206 -26.53 7.28 -19.51
N TYR C 207 -26.36 7.33 -20.82
CA TYR C 207 -27.12 8.26 -21.65
C TYR C 207 -27.57 7.57 -22.91
N LYS C 208 -28.68 8.04 -23.46
CA LYS C 208 -29.20 7.48 -24.70
C LYS C 208 -28.24 7.82 -25.83
N ILE C 209 -27.94 6.85 -26.68
CA ILE C 209 -27.03 7.08 -27.78
C ILE C 209 -27.68 8.00 -28.83
N PRO C 210 -27.07 9.18 -29.09
CA PRO C 210 -27.58 10.16 -30.06
C PRO C 210 -28.10 9.58 -31.37
N VAL C 211 -29.35 9.92 -31.68
CA VAL C 211 -30.00 9.45 -32.90
C VAL C 211 -30.20 10.65 -33.80
N ASN C 212 -30.18 10.38 -35.11
CA ASN C 212 -30.32 11.38 -36.17
C ASN C 212 -29.14 12.38 -36.21
N ASP C 213 -28.72 12.87 -35.14
N GLU D 16 -1.56 -0.54 -25.46
CA GLU D 16 -0.61 0.46 -24.88
C GLU D 16 -0.52 1.74 -25.72
N GLN D 17 -1.67 2.14 -26.25
CA GLN D 17 -1.73 3.33 -27.06
C GLN D 17 -2.47 4.41 -26.30
N GLY D 18 -1.93 5.62 -26.34
CA GLY D 18 -2.55 6.75 -25.66
C GLY D 18 -3.81 7.31 -26.34
N ILE D 19 -4.21 8.50 -25.94
CA ILE D 19 -5.38 9.13 -26.52
C ILE D 19 -4.94 9.78 -27.83
N THR D 20 -5.70 9.53 -28.88
CA THR D 20 -5.38 10.06 -30.19
C THR D 20 -5.87 11.48 -30.48
N LEU D 21 -4.95 12.31 -30.95
CA LEU D 21 -5.31 13.66 -31.30
C LEU D 21 -5.12 13.72 -32.83
N ARG D 22 -6.22 13.62 -33.57
CA ARG D 22 -6.11 13.64 -35.02
C ARG D 22 -6.62 14.94 -35.67
N GLY D 23 -5.84 15.46 -36.60
CA GLY D 23 -6.25 16.66 -37.27
C GLY D 23 -5.11 17.50 -37.78
N SER D 24 -5.43 18.75 -38.11
CA SER D 24 -4.42 19.66 -38.62
C SER D 24 -3.75 20.33 -37.44
N ALA D 25 -2.56 20.86 -37.69
CA ALA D 25 -1.78 21.51 -36.66
C ALA D 25 -2.63 22.33 -35.74
N GLU D 26 -3.17 23.42 -36.24
CA GLU D 26 -4.02 24.26 -35.42
C GLU D 26 -4.94 23.48 -34.50
N ILE D 27 -5.71 22.59 -35.10
CA ILE D 27 -6.68 21.81 -34.35
C ILE D 27 -6.10 20.84 -33.32
N VAL D 28 -5.02 20.17 -33.66
CA VAL D 28 -4.39 19.26 -32.74
C VAL D 28 -3.88 20.04 -31.53
N ALA D 29 -3.26 21.19 -31.79
CA ALA D 29 -2.74 21.99 -30.70
C ALA D 29 -3.89 22.34 -29.77
N GLU D 30 -4.98 22.75 -30.37
CA GLU D 30 -6.14 23.14 -29.62
C GLU D 30 -6.68 21.99 -28.76
N PHE D 31 -6.81 20.82 -29.37
CA PHE D 31 -7.29 19.66 -28.65
C PHE D 31 -6.43 19.42 -27.42
N PHE D 32 -5.10 19.48 -27.62
CA PHE D 32 -4.16 19.27 -26.54
C PHE D 32 -4.38 20.24 -25.41
N SER D 33 -4.65 21.47 -25.79
CA SER D 33 -4.90 22.53 -24.83
C SER D 33 -6.14 22.21 -24.00
N PHE D 34 -7.23 21.83 -24.67
CA PHE D 34 -8.47 21.52 -23.98
C PHE D 34 -8.26 20.30 -23.11
N GLY D 35 -7.52 19.34 -23.65
CA GLY D 35 -7.28 18.11 -22.93
C GLY D 35 -6.54 18.31 -21.65
N ILE D 36 -5.40 19.01 -21.77
CA ILE D 36 -4.57 19.25 -20.61
C ILE D 36 -5.29 20.09 -19.55
N ASN D 37 -6.19 20.96 -19.99
CA ASN D 37 -6.94 21.79 -19.07
C ASN D 37 -7.79 20.88 -18.20
N SER D 38 -8.50 20.00 -18.88
CA SER D 38 -9.39 19.03 -18.26
C SER D 38 -8.66 18.13 -17.22
N ILE D 39 -7.45 17.70 -17.56
CA ILE D 39 -6.69 16.85 -16.65
C ILE D 39 -6.35 17.69 -15.44
N LEU D 40 -5.85 18.90 -15.66
CA LEU D 40 -5.50 19.76 -14.56
C LEU D 40 -6.66 19.93 -13.58
N TYR D 41 -7.86 20.16 -14.13
CA TYR D 41 -9.04 20.35 -13.30
C TYR D 41 -9.54 19.09 -12.59
N GLN D 42 -9.82 18.05 -13.36
CA GLN D 42 -10.32 16.83 -12.77
C GLN D 42 -9.42 16.26 -11.70
N ARG D 43 -8.12 16.24 -11.97
CA ARG D 43 -7.17 15.67 -11.01
C ARG D 43 -6.79 16.57 -9.85
N GLY D 44 -7.31 17.79 -9.83
CA GLY D 44 -6.99 18.72 -8.76
C GLY D 44 -5.60 19.36 -8.82
N ILE D 45 -4.88 19.25 -9.95
CA ILE D 45 -3.56 19.88 -10.08
C ILE D 45 -3.66 21.38 -9.78
N TYR D 46 -4.76 22.00 -10.22
CA TYR D 46 -5.04 23.41 -9.96
C TYR D 46 -6.39 23.50 -9.24
N PRO D 47 -6.63 24.60 -8.54
CA PRO D 47 -7.90 24.74 -7.83
C PRO D 47 -9.10 24.95 -8.73
N SER D 48 -10.24 24.53 -8.22
CA SER D 48 -11.49 24.66 -8.95
C SER D 48 -11.82 26.09 -9.25
N GLU D 49 -11.58 26.94 -8.28
CA GLU D 49 -11.89 28.36 -8.44
C GLU D 49 -11.09 28.97 -9.55
N THR D 50 -10.17 28.18 -10.10
CA THR D 50 -9.29 28.61 -11.17
C THR D 50 -9.81 28.29 -12.59
N PHE D 51 -10.91 27.55 -12.69
CA PHE D 51 -11.43 27.22 -14.01
C PHE D 51 -12.77 27.90 -14.28
N THR D 52 -13.22 27.83 -15.53
CA THR D 52 -14.52 28.39 -15.89
C THR D 52 -15.05 27.71 -17.16
N ARG D 53 -16.36 27.77 -17.40
CA ARG D 53 -16.92 27.20 -18.62
C ARG D 53 -16.79 28.15 -19.78
N VAL D 54 -16.59 27.64 -21.00
CA VAL D 54 -16.50 28.49 -22.17
C VAL D 54 -17.13 27.73 -23.32
N GLN D 55 -17.59 28.44 -24.34
CA GLN D 55 -18.20 27.81 -25.50
C GLN D 55 -17.20 27.79 -26.67
N LYS D 56 -17.25 26.73 -27.46
CA LYS D 56 -16.35 26.61 -28.59
C LYS D 56 -16.88 25.41 -29.33
N TYR D 57 -16.94 25.52 -30.65
CA TYR D 57 -17.41 24.42 -31.48
C TYR D 57 -18.75 23.91 -31.02
N GLY D 58 -19.53 24.75 -30.36
CA GLY D 58 -20.84 24.33 -29.91
C GLY D 58 -20.87 23.45 -28.68
N LEU D 59 -19.70 23.30 -28.06
CA LEU D 59 -19.61 22.49 -26.86
C LEU D 59 -19.28 23.41 -25.68
N THR D 60 -19.29 22.83 -24.48
CA THR D 60 -18.92 23.58 -23.27
C THR D 60 -17.62 22.95 -22.81
N LEU D 61 -16.63 23.76 -22.50
CA LEU D 61 -15.32 23.25 -22.07
C LEU D 61 -14.90 23.97 -20.82
N LEU D 62 -14.11 23.32 -19.97
CA LEU D 62 -13.62 23.94 -18.75
C LEU D 62 -12.21 24.36 -19.07
N VAL D 63 -11.87 25.61 -18.74
CA VAL D 63 -10.52 26.08 -18.99
C VAL D 63 -10.03 26.94 -17.85
N THR D 64 -8.73 26.99 -17.71
CA THR D 64 -8.15 27.77 -16.64
C THR D 64 -8.39 29.26 -16.87
N THR D 65 -8.26 30.05 -15.81
CA THR D 65 -8.44 31.48 -15.92
C THR D 65 -7.23 32.11 -15.25
N ASP D 66 -6.27 31.28 -14.89
CA ASP D 66 -5.07 31.78 -14.24
C ASP D 66 -4.13 32.30 -15.31
N LEU D 67 -4.02 33.62 -15.37
CA LEU D 67 -3.18 34.32 -16.34
C LEU D 67 -1.79 33.70 -16.53
N GLU D 68 -1.08 33.47 -15.43
CA GLU D 68 0.26 32.88 -15.52
C GLU D 68 0.17 31.60 -16.36
N LEU D 69 -0.64 30.67 -15.88
CA LEU D 69 -0.80 29.39 -16.55
C LEU D 69 -1.30 29.57 -17.97
N ILE D 70 -2.12 30.59 -18.18
CA ILE D 70 -2.65 30.82 -19.51
C ILE D 70 -1.60 31.25 -20.51
N LYS D 71 -0.82 32.27 -20.15
CA LYS D 71 0.22 32.74 -21.05
C LYS D 71 1.13 31.56 -21.37
N TYR D 72 1.50 30.81 -20.33
CA TYR D 72 2.39 29.68 -20.51
C TYR D 72 1.92 28.63 -21.51
N LEU D 73 0.76 28.03 -21.29
CA LEU D 73 0.28 27.00 -22.21
C LEU D 73 0.23 27.49 -23.64
N ASN D 74 -0.10 28.78 -23.81
CA ASN D 74 -0.14 29.40 -25.14
C ASN D 74 1.16 29.33 -25.82
N ASN D 75 2.18 29.67 -25.07
CA ASN D 75 3.52 29.64 -25.61
C ASN D 75 3.89 28.27 -26.08
N VAL D 76 3.57 27.26 -25.27
CA VAL D 76 3.94 25.92 -25.68
C VAL D 76 3.01 25.48 -26.77
N VAL D 77 1.74 25.85 -26.65
CA VAL D 77 0.78 25.46 -27.66
C VAL D 77 1.07 26.08 -29.02
N GLU D 78 1.63 27.28 -29.04
CA GLU D 78 1.91 27.93 -30.32
C GLU D 78 3.12 27.24 -30.94
N GLN D 79 4.10 26.92 -30.11
CA GLN D 79 5.32 26.27 -30.57
C GLN D 79 4.99 24.88 -31.08
N LEU D 80 3.94 24.31 -30.52
CA LEU D 80 3.52 22.99 -30.89
C LEU D 80 3.01 23.06 -32.32
N LYS D 81 2.26 24.12 -32.61
CA LYS D 81 1.73 24.31 -33.95
C LYS D 81 2.86 24.28 -34.98
N ASP D 82 3.93 25.00 -34.71
CA ASP D 82 5.05 25.06 -35.65
C ASP D 82 5.63 23.71 -35.94
N TRP D 83 5.92 22.95 -34.90
CA TRP D 83 6.45 21.61 -35.07
C TRP D 83 5.44 20.71 -35.77
N LEU D 84 4.17 20.95 -35.49
CA LEU D 84 3.10 20.16 -36.09
C LEU D 84 2.89 20.48 -37.56
N TYR D 85 3.16 21.71 -37.92
CA TYR D 85 3.02 22.21 -39.27
C TYR D 85 3.80 21.36 -40.28
N LYS D 86 4.75 20.58 -39.77
CA LYS D 86 5.54 19.71 -40.63
C LYS D 86 5.56 18.33 -40.07
N CYS D 87 4.61 18.08 -39.20
CA CYS D 87 4.52 16.76 -38.61
C CYS D 87 5.83 16.25 -38.04
N SER D 88 6.38 16.93 -37.04
CA SER D 88 7.63 16.47 -36.46
C SER D 88 7.54 15.91 -35.04
N VAL D 89 6.33 15.73 -34.53
CA VAL D 89 6.19 15.19 -33.18
C VAL D 89 5.21 14.03 -33.16
N GLN D 90 5.70 12.83 -32.86
CA GLN D 90 4.84 11.65 -32.84
C GLN D 90 3.89 11.58 -31.65
N LYS D 91 4.40 11.84 -30.45
CA LYS D 91 3.54 11.80 -29.28
C LYS D 91 3.89 12.84 -28.23
N LEU D 92 2.88 13.23 -27.44
CA LEU D 92 3.05 14.20 -26.37
C LEU D 92 2.80 13.43 -25.07
N VAL D 93 3.68 13.57 -24.10
CA VAL D 93 3.51 12.87 -22.83
C VAL D 93 3.58 13.75 -21.60
N VAL D 94 2.58 13.64 -20.72
CA VAL D 94 2.53 14.43 -19.48
C VAL D 94 2.93 13.57 -18.27
N VAL D 95 4.02 13.95 -17.64
CA VAL D 95 4.50 13.18 -16.53
C VAL D 95 4.35 13.87 -15.20
N ILE D 96 3.26 13.57 -14.50
CA ILE D 96 3.02 14.12 -13.18
C ILE D 96 3.82 13.28 -12.15
N SER D 97 4.50 13.94 -11.22
CA SER D 97 5.29 13.20 -10.22
C SER D 97 5.47 13.99 -8.94
N ASN D 98 5.66 13.28 -7.83
CA ASN D 98 5.85 13.89 -6.50
C ASN D 98 6.98 14.93 -6.39
N ILE D 99 6.61 16.19 -6.16
CA ILE D 99 7.56 17.31 -6.07
C ILE D 99 8.76 17.14 -5.14
N GLU D 100 8.53 16.48 -4.01
CA GLU D 100 9.61 16.27 -3.07
C GLU D 100 10.48 15.06 -3.40
N SER D 101 9.85 13.90 -3.59
CA SER D 101 10.60 12.67 -3.84
C SER D 101 11.13 12.43 -5.23
N GLY D 102 10.26 12.67 -6.22
CA GLY D 102 10.63 12.42 -7.59
C GLY D 102 9.82 11.28 -8.15
N GLU D 103 9.12 10.55 -7.30
CA GLU D 103 8.29 9.44 -7.72
C GLU D 103 7.29 9.81 -8.81
N VAL D 104 7.22 9.03 -9.88
CA VAL D 104 6.26 9.33 -10.93
C VAL D 104 4.91 8.86 -10.47
N LEU D 105 3.93 9.75 -10.55
CA LEU D 105 2.58 9.49 -10.10
C LEU D 105 1.61 9.04 -11.17
N GLU D 106 1.83 9.47 -12.40
CA GLU D 106 0.95 9.08 -13.48
C GLU D 106 1.46 9.63 -14.81
N ARG D 107 1.02 9.02 -15.91
CA ARG D 107 1.44 9.45 -17.22
C ARG D 107 0.29 9.53 -18.19
N TRP D 108 0.09 10.71 -18.75
CA TRP D 108 -0.93 10.91 -19.74
C TRP D 108 -0.23 10.88 -21.12
N GLN D 109 -0.67 9.98 -21.99
CA GLN D 109 -0.08 9.86 -23.31
C GLN D 109 -0.99 10.26 -24.46
N PHE D 110 -0.56 11.25 -25.22
CA PHE D 110 -1.33 11.69 -26.35
C PHE D 110 -0.67 11.33 -27.64
N ASP D 111 -1.26 10.41 -28.38
CA ASP D 111 -0.73 10.00 -29.68
C ASP D 111 -1.18 10.99 -30.74
N ILE D 112 -0.25 11.43 -31.57
CA ILE D 112 -0.58 12.40 -32.61
C ILE D 112 -0.73 11.83 -34.02
N GLU D 113 -1.65 12.41 -34.78
CA GLU D 113 -1.90 12.01 -36.15
C GLU D 113 -2.03 13.28 -36.99
N CYS D 114 -0.88 13.89 -37.26
CA CYS D 114 -0.75 15.12 -38.04
C CYS D 114 -1.30 14.88 -39.45
N ASP D 115 -2.45 15.47 -39.73
CA ASP D 115 -3.13 15.28 -40.99
C ASP D 115 -3.08 16.43 -41.98
N LYS D 116 -3.85 16.25 -43.05
CA LYS D 116 -3.99 17.20 -44.13
C LYS D 116 -5.45 17.16 -44.60
N GLY D 117 -5.98 15.94 -44.73
CA GLY D 117 -7.36 15.74 -45.15
C GLY D 117 -7.89 16.77 -46.13
N SER D 118 -9.15 17.16 -45.95
CA SER D 118 -9.80 18.16 -46.81
C SER D 118 -9.46 19.60 -46.38
N GLY D 119 -8.19 19.82 -46.04
CA GLY D 119 -7.76 21.15 -45.60
C GLY D 119 -8.29 21.52 -44.22
N GLU D 120 -9.63 21.56 -44.12
CA GLU D 120 -10.34 21.88 -42.90
C GLU D 120 -11.45 20.86 -42.62
N LYS D 121 -12.04 20.96 -41.43
CA LYS D 121 -13.13 20.08 -41.05
C LYS D 121 -14.42 20.85 -40.70
N SER D 122 -15.54 20.13 -40.65
CA SER D 122 -16.82 20.75 -40.31
C SER D 122 -16.98 20.88 -38.81
N GLN D 123 -17.68 21.94 -38.36
CA GLN D 123 -17.91 22.14 -36.93
C GLN D 123 -18.36 20.84 -36.31
N LYS D 124 -19.35 20.23 -36.93
CA LYS D 124 -19.85 18.97 -36.42
C LYS D 124 -18.85 17.89 -36.41
N ALA D 125 -17.78 18.04 -37.17
CA ALA D 125 -16.79 16.98 -37.19
C ALA D 125 -15.78 17.15 -36.07
N ILE D 126 -15.53 18.39 -35.71
CA ILE D 126 -14.58 18.71 -34.67
C ILE D 126 -15.23 18.42 -33.33
N GLN D 127 -16.51 18.72 -33.23
CA GLN D 127 -17.20 18.45 -32.00
C GLN D 127 -16.96 17.03 -31.54
N ASP D 128 -17.06 16.07 -32.45
CA ASP D 128 -16.85 14.67 -32.09
C ASP D 128 -15.45 14.34 -31.60
N GLU D 129 -14.45 14.97 -32.21
CA GLU D 129 -13.08 14.76 -31.80
C GLU D 129 -12.93 15.19 -30.36
N ILE D 130 -13.38 16.40 -30.05
CA ILE D 130 -13.26 16.94 -28.70
C ILE D 130 -13.99 16.08 -27.67
N ARG D 131 -15.25 15.80 -27.93
CA ARG D 131 -16.02 15.00 -27.00
C ARG D 131 -15.30 13.71 -26.64
N SER D 132 -14.72 13.01 -27.60
CA SER D 132 -14.08 11.77 -27.21
C SER D 132 -12.79 12.05 -26.48
N VAL D 133 -12.09 13.10 -26.86
CA VAL D 133 -10.87 13.37 -26.13
C VAL D 133 -11.23 13.60 -24.66
N ILE D 134 -12.14 14.54 -24.41
CA ILE D 134 -12.52 14.81 -23.03
C ILE D 134 -13.15 13.56 -22.41
N ARG D 135 -13.86 12.78 -23.21
CA ARG D 135 -14.48 11.58 -22.68
C ARG D 135 -13.45 10.52 -22.23
N GLN D 136 -12.43 10.28 -23.06
CA GLN D 136 -11.40 9.32 -22.69
C GLN D 136 -10.65 9.79 -21.45
N ILE D 137 -10.31 11.09 -21.41
CA ILE D 137 -9.60 11.65 -20.25
C ILE D 137 -10.42 11.41 -18.99
N THR D 138 -11.72 11.66 -19.08
CA THR D 138 -12.56 11.48 -17.91
C THR D 138 -12.73 10.04 -17.50
N ALA D 139 -12.84 9.16 -18.49
CA ALA D 139 -13.02 7.74 -18.22
C ALA D 139 -11.79 7.22 -17.49
N THR D 140 -10.65 7.85 -17.77
CA THR D 140 -9.40 7.46 -17.13
C THR D 140 -9.27 7.89 -15.67
N VAL D 141 -9.67 9.11 -15.35
CA VAL D 141 -9.53 9.54 -13.98
C VAL D 141 -10.36 8.61 -13.07
N THR D 142 -11.35 7.93 -13.62
CA THR D 142 -12.15 7.01 -12.82
C THR D 142 -11.26 5.95 -12.13
N PHE D 143 -10.14 5.62 -12.77
CA PHE D 143 -9.26 4.58 -12.27
C PHE D 143 -7.94 4.97 -11.62
N LEU D 144 -7.66 6.25 -11.55
CA LEU D 144 -6.43 6.68 -10.95
C LEU D 144 -6.58 6.88 -9.45
N PRO D 145 -5.48 6.68 -8.70
CA PRO D 145 -5.52 6.88 -7.24
C PRO D 145 -5.79 8.37 -6.91
N LEU D 146 -6.21 8.67 -5.69
CA LEU D 146 -6.46 10.05 -5.36
C LEU D 146 -5.10 10.70 -5.24
N LEU D 147 -4.93 11.88 -5.84
CA LEU D 147 -3.66 12.59 -5.80
C LEU D 147 -3.59 13.31 -4.46
N GLU D 148 -2.52 13.14 -3.70
CA GLU D 148 -2.47 13.81 -2.40
C GLU D 148 -1.11 14.38 -2.01
N VAL D 149 -0.38 14.91 -2.96
CA VAL D 149 0.93 15.48 -2.69
C VAL D 149 1.20 16.57 -3.71
N SER D 150 2.12 17.48 -3.42
CA SER D 150 2.42 18.51 -4.39
C SER D 150 3.14 17.80 -5.55
N CYS D 151 3.00 18.30 -6.75
CA CYS D 151 3.62 17.60 -7.87
C CYS D 151 4.35 18.47 -8.87
N SER D 152 4.89 17.82 -9.90
CA SER D 152 5.57 18.54 -10.96
C SER D 152 4.98 18.00 -12.24
N PHE D 153 4.87 18.89 -13.22
CA PHE D 153 4.32 18.58 -14.53
C PHE D 153 5.47 18.54 -15.55
N ASP D 154 5.67 17.43 -16.25
CA ASP D 154 6.75 17.36 -17.19
C ASP D 154 6.16 17.00 -18.51
N LEU D 155 6.20 17.92 -19.45
CA LEU D 155 5.66 17.66 -20.76
C LEU D 155 6.75 17.13 -21.66
N LEU D 156 6.64 15.89 -22.11
CA LEU D 156 7.63 15.34 -23.02
C LEU D 156 7.10 15.36 -24.45
N ILE D 157 7.80 16.10 -25.31
CA ILE D 157 7.45 16.18 -26.72
C ILE D 157 8.36 15.22 -27.46
N TYR D 158 7.78 14.13 -27.97
CA TYR D 158 8.57 13.13 -28.70
C TYR D 158 8.59 13.48 -30.18
N THR D 159 9.78 13.74 -30.70
CA THR D 159 9.93 14.14 -32.09
C THR D 159 10.95 13.29 -32.83
N ASP D 160 11.03 13.55 -34.13
CA ASP D 160 12.03 12.91 -35.01
C ASP D 160 13.34 13.46 -34.65
N LYS D 161 14.30 13.20 -35.53
CA LYS D 161 15.64 13.69 -35.31
C LYS D 161 15.78 15.14 -35.71
N ASP D 162 14.70 15.83 -35.94
CA ASP D 162 14.95 17.17 -36.36
C ASP D 162 14.15 18.12 -35.45
N LEU D 163 14.80 19.06 -34.73
CA LEU D 163 14.17 20.04 -33.78
C LEU D 163 15.18 20.58 -32.76
N PRO D 174 11.31 25.35 -21.43
CA PRO D 174 10.65 26.43 -20.70
C PRO D 174 9.86 25.87 -19.53
N GLN D 175 9.91 26.57 -18.40
CA GLN D 175 9.22 26.11 -17.20
C GLN D 175 9.06 27.20 -16.15
N PHE D 176 7.83 27.38 -15.67
CA PHE D 176 7.56 28.36 -14.63
C PHE D 176 7.43 27.71 -13.24
N ILE D 177 7.62 28.51 -12.21
CA ILE D 177 7.50 27.99 -10.85
C ILE D 177 6.31 28.63 -10.18
N THR D 178 5.51 27.78 -9.54
CA THR D 178 4.31 28.19 -8.83
C THR D 178 4.26 27.47 -7.49
N ASN D 179 3.09 27.56 -6.86
CA ASN D 179 2.76 26.96 -5.56
C ASN D 179 2.09 28.09 -4.81
N SER D 180 2.47 29.30 -5.21
CA SER D 180 1.92 30.51 -4.67
C SER D 180 0.41 30.24 -4.64
N GLU D 181 -0.13 30.11 -3.44
CA GLU D 181 -1.55 29.84 -3.16
C GLU D 181 -1.75 28.38 -2.72
N GLU D 182 -2.99 27.94 -2.86
CA GLU D 182 -3.42 26.58 -2.54
C GLU D 182 -3.47 25.82 -3.86
N VAL D 183 -2.42 25.98 -4.67
CA VAL D 183 -2.34 25.38 -5.99
C VAL D 183 -1.92 23.92 -6.11
N ARG D 184 -0.73 23.57 -5.64
CA ARG D 184 -0.25 22.19 -5.72
C ARG D 184 0.69 21.93 -6.92
N LEU D 185 0.36 22.43 -8.10
CA LEU D 185 1.31 22.26 -9.20
C LEU D 185 2.47 23.15 -8.78
N ARG D 186 3.56 22.54 -8.34
CA ARG D 186 4.74 23.26 -7.91
C ARG D 186 5.60 23.74 -9.07
N SER D 187 5.52 23.07 -10.21
CA SER D 187 6.29 23.48 -11.37
C SER D 187 5.85 22.71 -12.60
N PHE D 188 5.95 23.36 -13.74
CA PHE D 188 5.55 22.79 -15.03
C PHE D 188 6.69 23.04 -15.99
N THR D 189 7.21 21.97 -16.60
CA THR D 189 8.29 22.11 -17.57
C THR D 189 8.17 21.23 -18.83
N THR D 190 8.43 21.84 -19.97
CA THR D 190 8.35 21.17 -21.25
C THR D 190 9.72 20.70 -21.70
N THR D 191 9.77 19.55 -22.35
CA THR D 191 11.01 18.94 -22.79
C THR D 191 10.96 18.06 -24.03
N ILE D 192 11.90 18.30 -24.93
CA ILE D 192 11.98 17.55 -26.17
C ILE D 192 12.69 16.23 -25.93
N HIS D 193 12.25 15.16 -26.58
CA HIS D 193 12.88 13.86 -26.38
C HIS D 193 12.77 13.14 -27.72
N LYS D 194 13.89 12.84 -28.37
CA LYS D 194 13.89 12.21 -29.70
C LYS D 194 13.96 10.70 -29.65
N VAL D 195 13.45 10.05 -30.70
CA VAL D 195 13.43 8.60 -30.77
C VAL D 195 14.60 7.98 -31.56
N ASN D 196 15.49 7.30 -30.83
CA ASN D 196 16.69 6.61 -31.33
C ASN D 196 17.96 6.89 -30.50
N SER D 197 18.00 6.45 -29.34
N GLN E 17 -3.13 24.07 12.28
CA GLN E 17 -3.94 23.61 13.45
C GLN E 17 -3.36 22.35 14.12
N GLY E 18 -2.11 22.44 14.57
CA GLY E 18 -1.49 21.31 15.26
C GLY E 18 -1.66 21.37 16.77
N ILE E 19 -0.66 20.93 17.51
CA ILE E 19 -0.71 20.96 18.96
C ILE E 19 -0.35 22.35 19.41
N THR E 20 -1.07 22.86 20.40
CA THR E 20 -0.80 24.21 20.89
C THR E 20 0.20 24.30 22.05
N LEU E 21 1.06 25.31 21.98
CA LEU E 21 2.04 25.54 23.02
C LEU E 21 1.80 26.97 23.48
N ARG E 22 1.09 27.15 24.59
CA ARG E 22 0.82 28.50 25.09
C ARG E 22 1.63 28.80 26.33
N GLY E 23 2.18 30.01 26.39
CA GLY E 23 2.94 30.36 27.57
C GLY E 23 4.02 31.37 27.32
N SER E 24 4.81 31.64 28.34
CA SER E 24 5.89 32.60 28.21
C SER E 24 6.96 31.96 27.37
N ALA E 25 7.79 32.79 26.72
CA ALA E 25 8.87 32.28 25.87
C ALA E 25 9.58 31.12 26.52
N GLU E 26 10.24 31.38 27.64
CA GLU E 26 10.95 30.31 28.34
C GLU E 26 10.15 29.05 28.53
N ILE E 27 8.85 29.19 28.71
CA ILE E 27 8.01 28.02 28.92
C ILE E 27 7.68 27.30 27.61
N VAL E 28 7.34 28.04 26.57
CA VAL E 28 7.02 27.45 25.28
C VAL E 28 8.21 26.69 24.71
N ALA E 29 9.40 27.25 24.88
CA ALA E 29 10.59 26.60 24.38
C ALA E 29 10.73 25.26 25.09
N GLU E 30 10.50 25.26 26.41
CA GLU E 30 10.60 24.03 27.18
C GLU E 30 9.66 23.00 26.62
N PHE E 31 8.43 23.43 26.46
CA PHE E 31 7.40 22.56 25.95
C PHE E 31 7.85 21.95 24.62
N PHE E 32 8.34 22.80 23.73
CA PHE E 32 8.79 22.33 22.43
C PHE E 32 9.85 21.27 22.59
N SER E 33 10.83 21.56 23.42
CA SER E 33 11.89 20.62 23.66
C SER E 33 11.37 19.29 24.22
N PHE E 34 10.44 19.35 25.17
CA PHE E 34 9.87 18.15 25.75
C PHE E 34 9.11 17.40 24.67
N GLY E 35 8.30 18.15 23.94
CA GLY E 35 7.52 17.56 22.88
C GLY E 35 8.38 16.82 21.88
N ILE E 36 9.36 17.53 21.35
CA ILE E 36 10.23 16.95 20.37
C ILE E 36 10.97 15.71 20.91
N ASN E 37 11.28 15.72 22.21
CA ASN E 37 11.93 14.56 22.78
C ASN E 37 11.01 13.36 22.74
N SER E 38 9.77 13.61 23.14
CA SER E 38 8.76 12.59 23.15
C SER E 38 8.51 11.98 21.76
N ILE E 39 8.57 12.83 20.73
CA ILE E 39 8.39 12.35 19.38
C ILE E 39 9.58 11.47 19.02
N LEU E 40 10.77 12.00 19.21
CA LEU E 40 11.97 11.24 18.87
C LEU E 40 11.93 9.86 19.49
N TYR E 41 11.57 9.78 20.78
CA TYR E 41 11.50 8.51 21.49
C TYR E 41 10.39 7.60 21.01
N GLN E 42 9.16 8.09 21.07
CA GLN E 42 8.02 7.27 20.68
C GLN E 42 8.10 6.73 19.27
N ARG E 43 8.46 7.58 18.32
CA ARG E 43 8.55 7.15 16.92
C ARG E 43 9.82 6.37 16.60
N GLY E 44 10.74 6.24 17.55
CA GLY E 44 11.96 5.53 17.28
C GLY E 44 12.99 6.22 16.38
N ILE E 45 12.97 7.55 16.34
CA ILE E 45 13.93 8.29 15.52
C ILE E 45 15.31 8.08 16.15
N TYR E 46 15.33 7.92 17.47
CA TYR E 46 16.54 7.65 18.23
C TYR E 46 16.36 6.40 19.08
N PRO E 47 17.45 5.76 19.49
CA PRO E 47 17.34 4.55 20.32
C PRO E 47 16.77 4.81 21.72
N SER E 48 16.08 3.80 22.25
CA SER E 48 15.48 3.89 23.57
C SER E 48 16.55 3.97 24.60
N GLU E 49 17.58 3.16 24.47
CA GLU E 49 18.64 3.19 25.44
C GLU E 49 19.33 4.54 25.43
N THR E 50 18.78 5.48 24.66
CA THR E 50 19.36 6.83 24.54
C THR E 50 18.57 7.86 25.37
N PHE E 51 17.44 7.44 25.92
CA PHE E 51 16.61 8.33 26.70
C PHE E 51 16.64 7.99 28.17
N THR E 52 16.25 8.95 28.98
CA THR E 52 16.21 8.74 30.40
C THR E 52 15.02 9.52 30.97
N ARG E 53 14.66 9.22 32.21
CA ARG E 53 13.55 9.90 32.87
C ARG E 53 14.10 11.06 33.64
N VAL E 54 13.30 12.11 33.80
CA VAL E 54 13.72 13.26 34.56
C VAL E 54 12.47 13.88 35.15
N GLN E 55 12.65 14.56 36.29
CA GLN E 55 11.54 15.21 36.93
C GLN E 55 11.52 16.66 36.50
N LYS E 56 10.32 17.21 36.36
CA LYS E 56 10.19 18.57 35.91
C LYS E 56 8.73 18.93 36.19
N TYR E 57 8.53 20.04 36.87
CA TYR E 57 7.19 20.47 37.19
C TYR E 57 6.38 19.40 37.89
N GLY E 58 7.07 18.52 38.59
CA GLY E 58 6.40 17.48 39.34
C GLY E 58 5.99 16.26 38.55
N LEU E 59 6.31 16.29 37.26
CA LEU E 59 5.97 15.18 36.39
C LEU E 59 7.23 14.47 35.95
N THR E 60 7.05 13.34 35.28
CA THR E 60 8.19 12.60 34.75
C THR E 60 8.20 12.78 33.24
N LEU E 61 9.36 13.09 32.68
CA LEU E 61 9.51 13.30 31.25
C LEU E 61 10.64 12.48 30.71
N LEU E 62 10.54 12.08 29.45
CA LEU E 62 11.55 11.31 28.77
C LEU E 62 12.41 12.27 27.97
N VAL E 63 13.72 12.26 28.14
CA VAL E 63 14.53 13.19 27.37
C VAL E 63 15.82 12.50 26.94
N THR E 64 16.37 12.95 25.81
CA THR E 64 17.54 12.30 25.27
C THR E 64 18.76 12.52 26.13
N THR E 65 19.73 11.63 26.03
CA THR E 65 20.94 11.79 26.80
C THR E 65 22.07 11.78 25.80
N ASP E 66 21.77 12.16 24.56
CA ASP E 66 22.78 12.18 23.51
C ASP E 66 23.27 13.60 23.29
N LEU E 67 24.50 13.86 23.73
CA LEU E 67 25.16 15.16 23.63
C LEU E 67 25.04 15.88 22.30
N GLU E 68 25.42 15.22 21.21
CA GLU E 68 25.29 15.83 19.90
C GLU E 68 23.91 16.46 19.81
N LEU E 69 22.90 15.61 19.92
CA LEU E 69 21.53 16.03 19.85
C LEU E 69 21.19 17.07 20.91
N ILE E 70 21.68 16.85 22.12
CA ILE E 70 21.42 17.77 23.22
C ILE E 70 21.99 19.14 22.94
N LYS E 71 23.24 19.20 22.51
CA LYS E 71 23.82 20.49 22.20
C LYS E 71 23.01 21.19 21.12
N TYR E 72 22.87 20.54 19.98
CA TYR E 72 22.09 21.08 18.86
C TYR E 72 20.72 21.60 19.26
N LEU E 73 19.89 20.75 19.89
CA LEU E 73 18.56 21.16 20.32
C LEU E 73 18.61 22.42 21.16
N ASN E 74 19.59 22.46 22.04
CA ASN E 74 19.80 23.57 22.93
C ASN E 74 20.04 24.88 22.18
N ASN E 75 20.87 24.82 21.14
CA ASN E 75 21.15 26.00 20.34
C ASN E 75 19.92 26.54 19.70
N VAL E 76 19.18 25.65 19.05
CA VAL E 76 17.99 26.07 18.35
C VAL E 76 16.92 26.49 19.37
N VAL E 77 16.82 25.76 20.47
CA VAL E 77 15.86 26.13 21.49
C VAL E 77 16.15 27.50 22.09
N GLU E 78 17.42 27.84 22.28
CA GLU E 78 17.74 29.15 22.82
C GLU E 78 17.44 30.25 21.86
N GLN E 79 17.85 30.05 20.63
CA GLN E 79 17.58 31.04 19.61
C GLN E 79 16.07 31.21 19.53
N LEU E 80 15.36 30.09 19.63
CA LEU E 80 13.90 30.07 19.57
C LEU E 80 13.31 30.97 20.64
N LYS E 81 13.84 30.85 21.84
CA LYS E 81 13.39 31.63 22.98
C LYS E 81 13.48 33.15 22.67
N ASP E 82 14.57 33.57 22.03
CA ASP E 82 14.76 34.98 21.69
C ASP E 82 13.69 35.48 20.73
N TRP E 83 13.47 34.76 19.64
CA TRP E 83 12.44 35.18 18.70
C TRP E 83 11.09 35.16 19.40
N LEU E 84 10.96 34.27 20.39
CA LEU E 84 9.72 34.11 21.14
C LEU E 84 9.42 35.24 22.09
N TYR E 85 10.46 35.89 22.62
CA TYR E 85 10.12 36.97 23.53
C TYR E 85 9.63 38.21 22.89
N LYS E 86 9.25 38.06 21.64
CA LYS E 86 8.60 39.14 20.93
C LYS E 86 7.54 38.68 19.95
N CYS E 87 6.78 37.64 20.31
CA CYS E 87 5.74 37.07 19.44
C CYS E 87 6.15 37.07 17.98
N SER E 88 7.39 36.65 17.71
CA SER E 88 7.89 36.62 16.36
C SER E 88 7.74 35.31 15.61
N VAL E 89 7.69 34.19 16.33
CA VAL E 89 7.54 32.88 15.69
C VAL E 89 6.14 32.36 15.96
N GLN E 90 5.37 32.24 14.88
CA GLN E 90 3.99 31.78 14.93
C GLN E 90 3.85 30.28 15.15
N LYS E 91 4.65 29.50 14.44
CA LYS E 91 4.62 28.04 14.60
C LYS E 91 5.91 27.32 14.25
N LEU E 92 5.98 26.07 14.70
CA LEU E 92 7.12 25.19 14.50
C LEU E 92 6.62 23.92 13.82
N VAL E 93 7.23 23.59 12.70
CA VAL E 93 6.81 22.41 11.97
C VAL E 93 7.95 21.40 11.74
N VAL E 94 7.79 20.19 12.26
CA VAL E 94 8.83 19.18 12.05
C VAL E 94 8.45 18.28 10.88
N VAL E 95 9.28 18.27 9.84
CA VAL E 95 9.03 17.45 8.67
C VAL E 95 9.95 16.23 8.62
N ILE E 96 9.39 15.05 8.86
CA ILE E 96 10.18 13.84 8.85
C ILE E 96 10.06 13.22 7.46
N SER E 97 11.20 12.85 6.90
CA SER E 97 11.20 12.30 5.55
C SER E 97 12.35 11.31 5.24
N ASN E 98 12.07 10.44 4.27
CA ASN E 98 12.97 9.39 3.76
C ASN E 98 14.26 10.07 3.28
N ILE E 99 15.39 9.70 3.89
CA ILE E 99 16.67 10.32 3.53
C ILE E 99 17.18 9.93 2.13
N GLU E 100 16.57 8.90 1.56
CA GLU E 100 16.99 8.40 0.26
C GLU E 100 16.22 9.02 -0.87
N SER E 101 14.90 8.95 -0.76
CA SER E 101 14.06 9.45 -1.82
C SER E 101 13.64 10.90 -1.66
N GLY E 102 13.45 11.26 -0.40
CA GLY E 102 13.04 12.60 -0.08
C GLY E 102 11.53 12.68 0.11
N GLU E 103 10.83 11.54 0.07
CA GLU E 103 9.39 11.53 0.25
C GLU E 103 9.08 11.95 1.69
N VAL E 104 8.00 12.70 1.88
CA VAL E 104 7.71 13.14 3.23
C VAL E 104 6.87 12.09 3.91
N LEU E 105 7.33 11.68 5.10
CA LEU E 105 6.67 10.64 5.90
C LEU E 105 5.64 11.11 6.93
N GLU E 106 5.88 12.28 7.52
CA GLU E 106 4.99 12.86 8.54
C GLU E 106 5.39 14.29 8.88
N ARG E 107 4.46 15.05 9.44
CA ARG E 107 4.77 16.42 9.80
C ARG E 107 4.14 16.71 11.14
N TRP E 108 4.94 17.20 12.07
CA TRP E 108 4.41 17.58 13.38
C TRP E 108 4.39 19.10 13.41
N GLN E 109 3.20 19.64 13.57
CA GLN E 109 3.03 21.09 13.62
C GLN E 109 2.60 21.57 14.99
N PHE E 110 3.43 22.44 15.57
CA PHE E 110 3.16 23.04 16.86
C PHE E 110 2.70 24.49 16.62
N ASP E 111 1.58 24.86 17.21
CA ASP E 111 1.06 26.20 17.06
C ASP E 111 1.39 27.01 18.30
N ILE E 112 2.01 28.16 18.11
CA ILE E 112 2.39 29.00 19.23
C ILE E 112 1.34 30.01 19.67
N GLU E 113 1.11 30.01 20.98
CA GLU E 113 0.18 30.90 21.66
C GLU E 113 1.04 31.74 22.62
N CYS E 114 1.82 32.64 22.04
CA CYS E 114 2.72 33.48 22.83
C CYS E 114 1.98 34.41 23.79
N ASP E 115 1.45 33.86 24.88
CA ASP E 115 0.75 34.65 25.90
C ASP E 115 1.65 34.84 27.12
N LYS E 116 2.44 35.91 27.09
CA LYS E 116 3.38 36.27 28.14
C LYS E 116 2.77 36.10 29.54
N SER E 122 1.54 29.23 37.08
CA SER E 122 1.65 28.42 38.29
C SER E 122 1.93 26.92 38.01
N GLN E 123 2.45 26.23 39.03
CA GLN E 123 2.82 24.83 38.89
C GLN E 123 1.69 24.02 38.30
N LYS E 124 0.63 23.91 39.06
CA LYS E 124 -0.54 23.20 38.69
C LYS E 124 -0.98 23.53 37.26
N ALA E 125 -0.97 24.81 36.92
CA ALA E 125 -1.37 25.21 35.57
C ALA E 125 -0.46 24.62 34.50
N ILE E 126 0.85 24.75 34.72
CA ILE E 126 1.83 24.23 33.80
C ILE E 126 1.63 22.74 33.59
N GLN E 127 1.52 22.02 34.69
CA GLN E 127 1.30 20.58 34.60
C GLN E 127 0.23 20.24 33.58
N ASP E 128 -0.92 20.87 33.66
CA ASP E 128 -1.99 20.58 32.71
C ASP E 128 -1.59 20.84 31.30
N GLU E 129 -0.78 21.87 31.08
CA GLU E 129 -0.35 22.20 29.73
C GLU E 129 0.57 21.10 29.23
N ILE E 130 1.50 20.68 30.08
CA ILE E 130 2.47 19.63 29.74
C ILE E 130 1.75 18.32 29.43
N ARG E 131 0.89 17.91 30.34
CA ARG E 131 0.16 16.68 30.17
C ARG E 131 -0.58 16.65 28.84
N SER E 132 -1.20 17.76 28.45
CA SER E 132 -1.93 17.69 27.22
C SER E 132 -0.99 17.66 26.03
N VAL E 133 0.09 18.40 26.06
CA VAL E 133 0.97 18.32 24.92
C VAL E 133 1.42 16.86 24.71
N ILE E 134 1.93 16.25 25.76
CA ILE E 134 2.37 14.89 25.62
C ILE E 134 1.20 13.97 25.28
N ARG E 135 0.02 14.23 25.85
CA ARG E 135 -1.16 13.41 25.55
C ARG E 135 -1.54 13.51 24.05
N GLN E 136 -1.51 14.74 23.52
CA GLN E 136 -1.80 14.93 22.10
C GLN E 136 -0.77 14.24 21.19
N ILE E 137 0.51 14.28 21.59
CA ILE E 137 1.54 13.61 20.81
C ILE E 137 1.32 12.10 20.80
N THR E 138 1.09 11.55 21.97
CA THR E 138 0.87 10.12 22.09
C THR E 138 -0.39 9.67 21.34
N ALA E 139 -1.46 10.45 21.47
CA ALA E 139 -2.71 10.11 20.81
C ALA E 139 -2.50 10.03 19.31
N THR E 140 -1.58 10.84 18.80
CA THR E 140 -1.28 10.86 17.40
C THR E 140 -0.41 9.71 16.93
N VAL E 141 0.59 9.32 17.72
CA VAL E 141 1.42 8.25 17.24
C VAL E 141 0.56 7.00 17.01
N THR E 142 -0.51 6.86 17.80
CA THR E 142 -1.47 5.76 17.66
C THR E 142 -1.92 5.60 16.20
N PHE E 143 -2.01 6.71 15.48
CA PHE E 143 -2.49 6.66 14.12
C PHE E 143 -1.48 6.75 12.99
N LEU E 144 -0.20 6.93 13.31
CA LEU E 144 0.80 7.00 12.27
C LEU E 144 1.28 5.60 11.87
N PRO E 145 1.80 5.46 10.63
CA PRO E 145 2.30 4.18 10.16
C PRO E 145 3.63 3.87 10.86
N LEU E 146 4.02 2.62 10.87
CA LEU E 146 5.27 2.27 11.51
C LEU E 146 6.37 2.83 10.65
N LEU E 147 7.21 3.64 11.25
CA LEU E 147 8.34 4.29 10.59
C LEU E 147 9.41 3.22 10.34
N GLU E 148 9.81 3.00 9.09
CA GLU E 148 10.79 1.95 8.83
C GLU E 148 11.92 2.28 7.86
N VAL E 149 12.41 3.52 7.88
CA VAL E 149 13.50 3.92 6.99
C VAL E 149 14.30 4.98 7.69
N SER E 150 15.54 5.21 7.27
CA SER E 150 16.34 6.26 7.89
C SER E 150 15.74 7.57 7.42
N CYS E 151 15.74 8.58 8.29
CA CYS E 151 15.11 9.82 7.90
C CYS E 151 15.89 11.10 8.14
N SER E 152 15.29 12.21 7.74
CA SER E 152 15.86 13.54 7.93
C SER E 152 14.79 14.36 8.67
N PHE E 153 15.26 15.15 9.64
CA PHE E 153 14.41 15.98 10.50
C PHE E 153 14.54 17.42 10.04
N ASP E 154 13.43 18.02 9.66
CA ASP E 154 13.46 19.40 9.19
C ASP E 154 12.57 20.25 10.07
N LEU E 155 13.17 21.12 10.87
CA LEU E 155 12.38 21.98 11.74
C LEU E 155 12.12 23.26 10.98
N LEU E 156 10.86 23.64 10.85
CA LEU E 156 10.56 24.88 10.13
C LEU E 156 10.02 25.91 11.11
N ILE E 157 10.71 27.04 11.23
CA ILE E 157 10.28 28.10 12.14
C ILE E 157 9.57 29.14 11.29
N TYR E 158 8.28 29.29 11.51
CA TYR E 158 7.49 30.27 10.77
C TYR E 158 7.45 31.59 11.54
N THR E 159 8.25 32.54 11.09
CA THR E 159 8.32 33.83 11.75
C THR E 159 7.55 34.87 10.95
N ASP E 160 7.59 36.08 11.45
CA ASP E 160 6.96 37.20 10.84
C ASP E 160 7.91 37.73 9.83
N LYS E 161 7.60 38.84 9.14
CA LYS E 161 8.69 39.23 8.21
C LYS E 161 9.73 40.15 8.75
N ASP E 162 10.60 39.63 9.58
CA ASP E 162 11.55 40.50 10.11
C ASP E 162 12.39 39.65 10.99
N LEU E 163 13.72 39.70 10.81
CA LEU E 163 14.62 38.95 11.65
C LEU E 163 15.97 39.54 11.99
N VAL E 164 16.75 38.75 12.76
CA VAL E 164 18.11 39.11 13.16
C VAL E 164 18.80 37.77 12.88
N VAL E 165 18.46 37.20 11.72
CA VAL E 165 19.07 35.93 11.35
C VAL E 165 20.10 36.29 10.27
N PRO E 166 21.35 35.79 10.39
CA PRO E 166 22.37 36.11 9.38
C PRO E 166 22.36 35.11 8.24
N GLU E 167 21.90 35.54 7.06
CA GLU E 167 21.84 34.70 5.86
C GLU E 167 21.22 33.34 6.13
N LYS E 168 20.15 33.37 6.92
CA LYS E 168 19.43 32.19 7.35
C LYS E 168 19.82 31.81 8.77
N TRP E 169 21.06 32.14 9.17
CA TRP E 169 21.55 31.90 10.53
C TRP E 169 23.01 31.40 10.77
N GLU E 170 23.16 30.32 11.54
CA GLU E 170 24.47 29.72 11.92
C GLU E 170 24.82 28.49 11.08
N GLU E 171 24.91 28.70 9.78
CA GLU E 171 25.20 27.70 8.74
C GLU E 171 24.02 27.90 7.82
N SER E 172 23.38 29.06 7.97
CA SER E 172 22.19 29.41 7.20
C SER E 172 21.12 28.37 7.58
N GLY E 173 21.09 28.07 8.87
CA GLY E 173 20.15 27.09 9.41
C GLY E 173 20.93 25.98 10.08
N PRO E 174 21.37 26.17 11.33
CA PRO E 174 22.13 25.16 12.07
C PRO E 174 21.66 23.72 11.81
N GLN E 175 22.60 22.87 11.41
CA GLN E 175 22.27 21.48 11.09
C GLN E 175 23.32 20.49 11.62
N PHE E 176 23.01 19.20 11.50
CA PHE E 176 23.98 18.20 11.86
C PHE E 176 23.67 16.86 11.23
N ILE E 177 24.72 16.23 10.73
CA ILE E 177 24.65 14.94 10.07
C ILE E 177 24.98 13.89 11.09
N THR E 178 24.62 12.64 10.82
CA THR E 178 24.87 11.59 11.79
C THR E 178 24.53 10.18 11.38
N ASN E 179 25.51 9.30 11.49
CA ASN E 179 25.34 7.88 11.25
C ASN E 179 26.14 7.26 12.38
N SER E 180 26.01 7.91 13.54
CA SER E 180 26.66 7.53 14.80
C SER E 180 26.32 6.10 15.14
N GLU E 181 26.15 5.31 14.08
CA GLU E 181 25.85 3.90 14.14
C GLU E 181 24.47 3.80 13.54
N GLU E 182 23.62 3.08 14.25
CA GLU E 182 22.26 2.89 13.86
C GLU E 182 21.33 3.75 14.73
N VAL E 183 21.11 4.98 14.26
CA VAL E 183 20.25 5.97 14.87
C VAL E 183 19.46 6.43 13.66
N ARG E 184 18.22 5.97 13.56
CA ARG E 184 17.37 6.31 12.44
C ARG E 184 17.58 7.73 11.89
N LEU E 185 17.75 8.72 12.77
CA LEU E 185 17.93 10.11 12.34
C LEU E 185 19.25 10.30 11.66
N ARG E 186 19.22 10.56 10.35
CA ARG E 186 20.44 10.75 9.59
C ARG E 186 20.90 12.20 9.51
N SER E 187 19.98 13.15 9.65
CA SER E 187 20.34 14.57 9.60
C SER E 187 19.20 15.41 10.16
N PHE E 188 19.57 16.49 10.83
CA PHE E 188 18.61 17.35 11.48
C PHE E 188 19.00 18.76 11.10
N THR E 189 18.05 19.51 10.54
CA THR E 189 18.32 20.89 10.13
C THR E 189 17.19 21.89 10.37
N THR E 190 17.56 23.04 10.90
CA THR E 190 16.64 24.13 11.20
C THR E 190 16.58 25.09 10.02
N THR E 191 15.42 25.70 9.79
CA THR E 191 15.20 26.61 8.67
C THR E 191 14.17 27.68 8.97
N ILE E 192 14.51 28.92 8.65
CA ILE E 192 13.62 30.04 8.88
C ILE E 192 12.73 30.29 7.70
N HIS E 193 11.52 30.77 7.97
CA HIS E 193 10.61 31.07 6.89
C HIS E 193 9.63 32.17 7.28
N LYS E 194 9.78 33.33 6.65
CA LYS E 194 8.90 34.48 6.91
C LYS E 194 7.53 34.25 6.29
N VAL E 195 6.51 34.62 7.05
CA VAL E 195 5.13 34.48 6.60
C VAL E 195 4.87 35.43 5.44
N ASN E 196 3.70 35.25 4.82
CA ASN E 196 3.28 36.07 3.67
C ASN E 196 4.07 35.76 2.40
N SER E 197 3.98 34.61 1.91
N HIS F 3 -9.80 -4.27 -0.78
CA HIS F 3 -9.37 -3.55 -1.92
C HIS F 3 -8.02 -4.31 -2.32
N HIS F 4 -7.03 -3.64 -2.96
CA HIS F 4 -5.85 -4.46 -3.40
C HIS F 4 -4.86 -3.55 -4.08
N HIS F 5 -3.70 -4.07 -4.04
CA HIS F 5 -2.75 -3.27 -4.80
C HIS F 5 -1.95 -2.92 -6.09
N HIS F 6 -2.24 -3.45 -7.29
CA HIS F 6 -1.47 -3.27 -8.63
C HIS F 6 -2.55 -3.32 -9.74
N HIS F 7 -3.22 -2.21 -9.75
CA HIS F 7 -4.27 -2.01 -10.61
C HIS F 7 -3.89 -2.06 -12.08
N GLY F 8 -2.77 -1.48 -12.47
CA GLY F 8 -2.46 -1.48 -13.89
C GLY F 8 -2.72 -0.08 -14.42
N SER F 9 -2.55 0.08 -15.71
CA SER F 9 -2.76 1.36 -16.34
C SER F 9 -4.22 1.78 -16.32
N ALA F 10 -4.47 2.98 -15.79
CA ALA F 10 -5.82 3.53 -15.70
C ALA F 10 -6.44 3.59 -17.12
N LEU F 11 -5.66 4.06 -18.06
CA LEU F 11 -6.17 4.15 -19.42
C LEU F 11 -6.55 2.77 -19.93
N GLN F 12 -5.67 1.81 -19.73
CA GLN F 12 -5.94 0.45 -20.19
C GLN F 12 -7.24 -0.04 -19.54
N LEU F 13 -7.34 0.19 -18.23
CA LEU F 13 -8.49 -0.22 -17.45
C LEU F 13 -9.77 0.41 -17.93
N SER F 14 -9.70 1.69 -18.32
CA SER F 14 -10.89 2.39 -18.81
C SER F 14 -11.49 1.73 -20.07
N ARG F 15 -10.66 1.04 -20.84
CA ARG F 15 -11.09 0.35 -22.05
C ARG F 15 -11.49 -1.11 -21.80
N GLU F 16 -10.91 -1.72 -20.78
CA GLU F 16 -11.19 -3.10 -20.44
C GLU F 16 -12.36 -3.26 -19.45
N GLN F 17 -12.61 -2.21 -18.66
CA GLN F 17 -13.68 -2.26 -17.67
C GLN F 17 -13.26 -3.00 -16.40
N GLY F 18 -12.69 -4.20 -16.56
CA GLY F 18 -12.23 -4.94 -15.39
C GLY F 18 -12.26 -6.46 -15.50
N ILE F 19 -12.08 -7.12 -14.34
CA ILE F 19 -12.06 -8.58 -14.21
C ILE F 19 -13.35 -9.18 -13.64
N THR F 20 -13.93 -10.13 -14.36
CA THR F 20 -15.15 -10.78 -13.89
C THR F 20 -14.88 -12.20 -13.41
N LEU F 21 -15.82 -12.77 -12.67
CA LEU F 21 -15.60 -14.13 -12.17
C LEU F 21 -15.30 -15.11 -13.32
N ARG F 22 -16.04 -14.99 -14.43
CA ARG F 22 -15.80 -15.90 -15.54
C ARG F 22 -14.48 -15.59 -16.22
N GLY F 23 -14.21 -14.31 -16.43
CA GLY F 23 -12.95 -13.92 -17.05
C GLY F 23 -11.74 -14.38 -16.22
N SER F 24 -11.86 -14.33 -14.89
CA SER F 24 -10.77 -14.77 -14.00
C SER F 24 -10.53 -16.24 -14.19
N ALA F 25 -11.61 -17.00 -14.23
CA ALA F 25 -11.50 -18.43 -14.41
C ALA F 25 -10.69 -18.80 -15.64
N GLU F 26 -10.98 -18.10 -16.75
CA GLU F 26 -10.28 -18.33 -18.00
C GLU F 26 -8.81 -18.03 -17.81
N ILE F 27 -8.50 -16.91 -17.19
CA ILE F 27 -7.10 -16.55 -16.99
C ILE F 27 -6.34 -17.61 -16.22
N VAL F 28 -6.94 -18.08 -15.13
CA VAL F 28 -6.32 -19.09 -14.30
C VAL F 28 -6.21 -20.44 -15.03
N ALA F 29 -7.28 -20.82 -15.71
CA ALA F 29 -7.26 -22.07 -16.48
C ALA F 29 -6.16 -22.02 -17.56
N GLU F 30 -6.09 -20.89 -18.27
CA GLU F 30 -5.10 -20.66 -19.32
C GLU F 30 -3.68 -20.79 -18.75
N PHE F 31 -3.50 -20.34 -17.51
CA PHE F 31 -2.19 -20.42 -16.88
C PHE F 31 -1.73 -21.84 -16.63
N PHE F 32 -2.60 -22.67 -16.07
CA PHE F 32 -2.19 -24.05 -15.81
C PHE F 32 -1.77 -24.72 -17.11
N SER F 33 -2.40 -24.30 -18.19
CA SER F 33 -2.13 -24.83 -19.52
C SER F 33 -0.66 -24.60 -19.90
N PHE F 34 -0.21 -23.35 -19.78
CA PHE F 34 1.19 -23.02 -20.05
C PHE F 34 2.05 -23.48 -18.89
N GLY F 35 1.49 -23.45 -17.69
CA GLY F 35 2.25 -23.87 -16.55
C GLY F 35 2.73 -25.30 -16.73
N ILE F 36 1.79 -26.19 -16.97
CA ILE F 36 2.12 -27.60 -17.14
C ILE F 36 3.09 -27.79 -18.29
N ASN F 37 2.74 -27.19 -19.43
CA ASN F 37 3.57 -27.30 -20.61
C ASN F 37 4.99 -26.89 -20.26
N SER F 38 5.14 -25.90 -19.40
CA SER F 38 6.46 -25.43 -19.07
C SER F 38 7.23 -26.40 -18.23
N ILE F 39 6.54 -27.01 -17.26
CA ILE F 39 7.17 -27.98 -16.38
C ILE F 39 7.55 -29.18 -17.24
N LEU F 40 6.63 -29.65 -18.07
CA LEU F 40 6.92 -30.80 -18.90
C LEU F 40 8.16 -30.57 -19.79
N TYR F 41 8.33 -29.35 -20.22
CA TYR F 41 9.44 -29.08 -21.09
C TYR F 41 10.79 -28.85 -20.40
N GLN F 42 10.76 -28.13 -19.29
CA GLN F 42 11.98 -27.79 -18.57
C GLN F 42 12.51 -28.86 -17.68
N ARG F 43 11.63 -29.75 -17.24
CA ARG F 43 12.08 -30.84 -16.40
C ARG F 43 12.29 -32.04 -17.34
N GLY F 44 12.29 -31.76 -18.63
CA GLY F 44 12.48 -32.81 -19.61
C GLY F 44 11.56 -34.01 -19.53
N ILE F 45 10.32 -33.83 -19.07
CA ILE F 45 9.41 -34.98 -19.00
C ILE F 45 9.14 -35.52 -20.41
N TYR F 46 9.25 -34.68 -21.42
CA TYR F 46 9.08 -35.11 -22.81
C TYR F 46 10.27 -34.56 -23.60
N PRO F 47 10.59 -35.15 -24.77
CA PRO F 47 11.73 -34.68 -25.57
C PRO F 47 11.55 -33.23 -25.94
N SER F 48 12.65 -32.48 -25.98
CA SER F 48 12.54 -31.06 -26.27
C SER F 48 12.15 -30.75 -27.70
N GLU F 49 12.55 -31.60 -28.63
CA GLU F 49 12.17 -31.39 -30.00
C GLU F 49 10.61 -31.47 -30.07
N THR F 50 9.99 -32.11 -29.09
CA THR F 50 8.53 -32.27 -29.04
C THR F 50 7.78 -30.92 -28.93
N PHE F 51 8.47 -29.91 -28.45
CA PHE F 51 7.81 -28.65 -28.24
C PHE F 51 8.01 -27.60 -29.28
N THR F 52 7.26 -26.53 -29.16
CA THR F 52 7.35 -25.46 -30.11
C THR F 52 7.24 -24.09 -29.46
N ARG F 53 7.89 -23.11 -30.05
CA ARG F 53 7.90 -21.76 -29.48
C ARG F 53 6.60 -20.99 -29.69
N VAL F 54 6.17 -20.25 -28.66
CA VAL F 54 4.98 -19.39 -28.74
C VAL F 54 5.17 -18.18 -27.79
N GLN F 55 4.59 -17.03 -28.16
CA GLN F 55 4.68 -15.82 -27.34
C GLN F 55 3.46 -15.71 -26.45
N LYS F 56 3.69 -15.51 -25.17
CA LYS F 56 2.60 -15.42 -24.22
C LYS F 56 3.18 -14.82 -22.94
N TYR F 57 2.36 -14.01 -22.29
CA TYR F 57 2.74 -13.34 -21.07
C TYR F 57 4.01 -12.52 -21.25
N GLY F 58 4.32 -12.15 -22.49
CA GLY F 58 5.51 -11.36 -22.76
C GLY F 58 6.77 -12.19 -22.72
N LEU F 59 6.65 -13.50 -22.90
CA LEU F 59 7.80 -14.39 -22.91
C LEU F 59 7.65 -15.33 -24.08
N THR F 60 8.70 -16.10 -24.35
CA THR F 60 8.65 -17.12 -25.38
C THR F 60 8.55 -18.43 -24.59
N LEU F 61 7.40 -19.07 -24.69
CA LEU F 61 7.19 -20.30 -23.97
C LEU F 61 7.12 -21.45 -24.95
N LEU F 62 7.34 -22.66 -24.45
CA LEU F 62 7.27 -23.85 -25.25
C LEU F 62 6.03 -24.68 -24.92
N VAL F 63 5.35 -25.19 -25.93
CA VAL F 63 4.17 -25.99 -25.66
C VAL F 63 4.30 -27.23 -26.52
N THR F 64 3.76 -28.36 -26.05
CA THR F 64 3.84 -29.60 -26.76
C THR F 64 3.19 -29.53 -28.15
N THR F 65 3.67 -30.39 -29.03
CA THR F 65 3.25 -30.55 -30.42
C THR F 65 2.60 -31.93 -30.64
N ASP F 66 2.59 -32.70 -29.57
CA ASP F 66 2.02 -34.02 -29.53
C ASP F 66 0.50 -33.85 -29.57
N LEU F 67 -0.14 -34.28 -30.65
CA LEU F 67 -1.58 -34.19 -30.79
C LEU F 67 -2.33 -34.79 -29.59
N GLU F 68 -2.03 -36.02 -29.21
CA GLU F 68 -2.74 -36.64 -28.08
C GLU F 68 -2.64 -35.81 -26.81
N LEU F 69 -1.42 -35.40 -26.49
CA LEU F 69 -1.15 -34.58 -25.31
C LEU F 69 -1.89 -33.21 -25.41
N ILE F 70 -1.84 -32.59 -26.60
CA ILE F 70 -2.54 -31.32 -26.77
C ILE F 70 -4.02 -31.57 -26.44
N LYS F 71 -4.59 -32.60 -27.07
CA LYS F 71 -5.98 -32.95 -26.80
C LYS F 71 -6.27 -33.14 -25.30
N TYR F 72 -5.38 -33.84 -24.60
CA TYR F 72 -5.50 -34.08 -23.16
C TYR F 72 -5.51 -32.77 -22.36
N LEU F 73 -4.48 -31.95 -22.54
CA LEU F 73 -4.38 -30.71 -21.79
C LEU F 73 -5.62 -29.83 -21.92
N ASN F 74 -6.22 -29.83 -23.11
CA ASN F 74 -7.41 -29.04 -23.33
C ASN F 74 -8.58 -29.55 -22.53
N ASN F 75 -8.73 -30.86 -22.40
CA ASN F 75 -9.84 -31.37 -21.61
C ASN F 75 -9.63 -30.87 -20.18
N VAL F 76 -8.41 -31.02 -19.68
CA VAL F 76 -8.13 -30.55 -18.34
C VAL F 76 -8.45 -29.07 -18.20
N VAL F 77 -7.94 -28.27 -19.12
CA VAL F 77 -8.15 -26.86 -19.04
C VAL F 77 -9.61 -26.47 -19.00
N GLU F 78 -10.37 -27.03 -19.95
CA GLU F 78 -11.79 -26.75 -20.09
C GLU F 78 -12.51 -27.20 -18.84
N GLN F 79 -12.11 -28.33 -18.29
CA GLN F 79 -12.76 -28.80 -17.07
C GLN F 79 -12.41 -27.91 -15.89
N LEU F 80 -11.14 -27.56 -15.83
CA LEU F 80 -10.57 -26.73 -14.79
C LEU F 80 -11.28 -25.41 -14.83
N LYS F 81 -11.68 -25.02 -16.04
CA LYS F 81 -12.39 -23.76 -16.25
C LYS F 81 -13.74 -23.78 -15.54
N ASP F 82 -14.48 -24.88 -15.69
CA ASP F 82 -15.78 -25.05 -15.05
C ASP F 82 -15.70 -25.03 -13.54
N TRP F 83 -14.75 -25.79 -12.99
CA TRP F 83 -14.56 -25.86 -11.55
C TRP F 83 -14.16 -24.50 -10.92
N LEU F 84 -13.29 -23.75 -11.59
CA LEU F 84 -12.86 -22.42 -11.10
C LEU F 84 -13.99 -21.41 -11.03
N TYR F 85 -14.87 -21.44 -12.03
CA TYR F 85 -16.02 -20.54 -12.06
C TYR F 85 -16.87 -20.74 -10.82
N LYS F 86 -17.01 -21.99 -10.40
CA LYS F 86 -17.80 -22.36 -9.23
C LYS F 86 -16.98 -22.49 -7.93
N CYS F 87 -15.67 -22.27 -8.04
CA CYS F 87 -14.82 -22.35 -6.86
C CYS F 87 -14.80 -23.73 -6.26
N SER F 88 -14.62 -24.75 -7.08
CA SER F 88 -14.63 -26.11 -6.59
C SER F 88 -13.26 -26.77 -6.49
N VAL F 89 -12.25 -26.22 -7.16
CA VAL F 89 -10.91 -26.83 -7.07
C VAL F 89 -9.95 -26.06 -6.16
N GLN F 90 -9.37 -26.75 -5.18
CA GLN F 90 -8.48 -26.10 -4.23
C GLN F 90 -6.99 -26.26 -4.49
N LYS F 91 -6.62 -27.35 -5.15
CA LYS F 91 -5.23 -27.60 -5.49
C LYS F 91 -5.14 -28.32 -6.83
N LEU F 92 -4.06 -28.04 -7.56
CA LEU F 92 -3.79 -28.68 -8.84
C LEU F 92 -2.37 -29.16 -8.64
N VAL F 93 -2.12 -30.45 -8.83
CA VAL F 93 -0.78 -30.99 -8.64
C VAL F 93 -0.25 -31.79 -9.82
N VAL F 94 1.00 -31.51 -10.19
CA VAL F 94 1.64 -32.23 -11.27
C VAL F 94 2.62 -33.16 -10.58
N VAL F 95 2.35 -34.46 -10.65
CA VAL F 95 3.17 -35.47 -9.99
C VAL F 95 4.16 -36.07 -10.96
N ILE F 96 5.44 -36.01 -10.65
CA ILE F 96 6.41 -36.58 -11.57
C ILE F 96 7.08 -37.80 -10.96
N SER F 97 6.98 -38.95 -11.62
CA SER F 97 7.61 -40.17 -11.08
C SER F 97 8.38 -40.99 -12.08
N ASN F 98 9.14 -41.94 -11.53
CA ASN F 98 9.96 -42.86 -12.31
C ASN F 98 9.00 -43.72 -13.14
N ILE F 99 9.19 -43.72 -14.46
CA ILE F 99 8.32 -44.47 -15.38
C ILE F 99 8.30 -45.99 -15.15
N GLU F 100 9.36 -46.54 -14.56
CA GLU F 100 9.45 -47.98 -14.25
C GLU F 100 9.02 -48.29 -12.81
N SER F 101 9.78 -47.79 -11.84
CA SER F 101 9.49 -48.01 -10.43
C SER F 101 8.13 -47.46 -9.98
N GLY F 102 7.91 -46.18 -10.24
CA GLY F 102 6.66 -45.58 -9.85
C GLY F 102 6.98 -44.64 -8.71
N GLU F 103 8.26 -44.57 -8.36
CA GLU F 103 8.72 -43.71 -7.27
C GLU F 103 8.51 -42.23 -7.61
N VAL F 104 7.78 -41.52 -6.75
CA VAL F 104 7.56 -40.09 -6.97
C VAL F 104 8.88 -39.34 -6.72
N LEU F 105 9.27 -38.50 -7.67
CA LEU F 105 10.53 -37.79 -7.54
C LEU F 105 10.41 -36.31 -7.43
N GLU F 106 9.34 -35.75 -7.97
CA GLU F 106 9.17 -34.31 -7.96
C GLU F 106 7.67 -34.04 -7.97
N ARG F 107 7.24 -33.00 -7.28
CA ARG F 107 5.83 -32.71 -7.18
C ARG F 107 5.52 -31.22 -7.16
N TRP F 108 4.89 -30.74 -8.23
CA TRP F 108 4.57 -29.33 -8.34
C TRP F 108 3.16 -29.08 -7.83
N GLN F 109 3.04 -28.27 -6.78
CA GLN F 109 1.73 -27.98 -6.20
C GLN F 109 1.23 -26.55 -6.40
N PHE F 110 -0.04 -26.44 -6.74
CA PHE F 110 -0.66 -25.17 -6.99
C PHE F 110 -1.88 -25.07 -6.11
N ASP F 111 -1.84 -24.14 -5.16
CA ASP F 111 -2.93 -23.90 -4.23
C ASP F 111 -3.76 -22.78 -4.77
N ILE F 112 -5.06 -23.02 -4.94
CA ILE F 112 -5.91 -21.97 -5.46
C ILE F 112 -6.81 -21.38 -4.39
N GLU F 113 -6.93 -20.06 -4.42
CA GLU F 113 -7.74 -19.31 -3.47
C GLU F 113 -8.80 -18.61 -4.37
N CYS F 114 -10.08 -18.75 -4.04
CA CYS F 114 -11.10 -18.10 -4.85
C CYS F 114 -11.98 -17.22 -3.90
N ASP F 115 -12.55 -16.13 -4.41
CA ASP F 115 -13.42 -15.30 -3.57
C ASP F 115 -14.87 -15.76 -3.81
N LYS F 116 -15.46 -16.41 -2.79
CA LYS F 116 -16.82 -16.92 -2.86
C LYS F 116 -17.88 -15.88 -3.22
N THR F 117 -17.63 -14.63 -2.81
CA THR F 117 -18.57 -13.54 -3.07
C THR F 117 -18.48 -12.87 -4.46
N ALA F 118 -17.42 -13.15 -5.20
CA ALA F 118 -17.27 -12.54 -6.53
C ALA F 118 -18.47 -12.69 -7.44
N LYS F 119 -19.21 -13.78 -7.31
CA LYS F 119 -20.36 -14.01 -8.17
C LYS F 119 -21.45 -12.98 -7.97
N ASP F 120 -21.37 -12.25 -6.87
CA ASP F 120 -22.37 -11.23 -6.56
C ASP F 120 -21.82 -9.80 -6.62
N ASP F 121 -20.97 -9.53 -7.60
CA ASP F 121 -20.37 -8.22 -7.75
C ASP F 121 -21.25 -7.26 -8.57
N SER F 122 -21.27 -6.00 -8.18
CA SER F 122 -22.06 -5.01 -8.90
C SER F 122 -21.31 -4.56 -10.14
N ALA F 123 -20.01 -4.82 -10.16
CA ALA F 123 -19.19 -4.41 -11.28
C ALA F 123 -17.86 -5.14 -11.25
N PRO F 124 -17.20 -5.18 -12.40
CA PRO F 124 -15.91 -5.82 -12.63
C PRO F 124 -14.84 -5.17 -11.77
N ARG F 125 -13.91 -5.98 -11.30
CA ARG F 125 -12.86 -5.50 -10.42
C ARG F 125 -11.77 -4.81 -11.16
N GLU F 126 -11.23 -3.80 -10.50
CA GLU F 126 -10.22 -2.95 -11.08
C GLU F 126 -8.79 -3.41 -11.21
N LYS F 127 -8.54 -4.29 -12.19
CA LYS F 127 -7.19 -4.78 -12.51
C LYS F 127 -7.01 -4.99 -14.01
N SER F 128 -5.92 -4.49 -14.56
CA SER F 128 -5.70 -4.60 -15.99
C SER F 128 -5.16 -5.95 -16.39
N GLN F 129 -5.57 -6.41 -17.56
CA GLN F 129 -5.09 -7.68 -18.06
C GLN F 129 -3.57 -7.71 -17.95
N LYS F 130 -2.95 -6.63 -18.35
CA LYS F 130 -1.51 -6.53 -18.35
C LYS F 130 -0.93 -6.68 -16.95
N ALA F 131 -1.56 -6.09 -15.95
CA ALA F 131 -1.06 -6.20 -14.60
C ALA F 131 -1.00 -7.68 -14.15
N ILE F 132 -2.03 -8.44 -14.51
CA ILE F 132 -2.13 -9.84 -14.17
C ILE F 132 -1.06 -10.62 -14.90
N GLN F 133 -0.86 -10.33 -16.18
CA GLN F 133 0.17 -11.00 -16.95
C GLN F 133 1.56 -10.78 -16.37
N ASP F 134 1.85 -9.57 -15.94
CA ASP F 134 3.16 -9.31 -15.37
C ASP F 134 3.41 -10.17 -14.15
N GLU F 135 2.37 -10.41 -13.35
CA GLU F 135 2.53 -11.25 -12.17
C GLU F 135 2.81 -12.69 -12.65
N ILE F 136 2.01 -13.16 -13.59
CA ILE F 136 2.20 -14.50 -14.13
C ILE F 136 3.61 -14.71 -14.74
N ARG F 137 4.11 -13.70 -15.45
CA ARG F 137 5.42 -13.80 -16.10
C ARG F 137 6.49 -13.88 -15.02
N SER F 138 6.17 -13.28 -13.88
CA SER F 138 7.08 -13.28 -12.76
C SER F 138 7.24 -14.71 -12.22
N VAL F 139 6.14 -15.46 -12.20
CA VAL F 139 6.16 -16.86 -11.72
C VAL F 139 6.89 -17.75 -12.74
N ILE F 140 6.53 -17.65 -14.02
CA ILE F 140 7.18 -18.45 -15.03
C ILE F 140 8.69 -18.27 -15.08
N ARG F 141 9.18 -17.07 -14.83
CA ARG F 141 10.62 -16.91 -14.86
C ARG F 141 11.26 -17.63 -13.71
N GLN F 142 10.58 -17.57 -12.57
CA GLN F 142 11.12 -18.19 -11.37
C GLN F 142 11.19 -19.69 -11.58
N ILE F 143 10.10 -20.24 -12.11
CA ILE F 143 10.02 -21.66 -12.40
C ILE F 143 11.23 -22.01 -13.26
N THR F 144 11.58 -21.16 -14.21
CA THR F 144 12.72 -21.40 -15.08
C THR F 144 14.03 -21.46 -14.31
N ALA F 145 14.27 -20.41 -13.54
CA ALA F 145 15.49 -20.30 -12.74
C ALA F 145 15.73 -21.49 -11.80
N THR F 146 14.70 -22.28 -11.62
CA THR F 146 14.69 -23.42 -10.75
C THR F 146 15.70 -24.49 -11.17
N VAL F 147 16.02 -24.48 -12.44
CA VAL F 147 16.91 -25.46 -13.00
C VAL F 147 18.16 -25.73 -12.20
N THR F 148 18.87 -24.69 -11.79
CA THR F 148 20.12 -24.89 -11.09
C THR F 148 20.09 -25.75 -9.82
N PHE F 149 19.13 -25.53 -8.94
CA PHE F 149 19.18 -26.31 -7.73
C PHE F 149 18.32 -27.57 -7.73
N LEU F 150 17.30 -27.66 -8.56
CA LEU F 150 16.53 -28.90 -8.53
C LEU F 150 17.41 -30.11 -8.95
N PRO F 151 17.16 -31.28 -8.37
CA PRO F 151 17.93 -32.47 -8.70
C PRO F 151 17.65 -32.88 -10.14
N LEU F 152 18.67 -33.26 -10.88
CA LEU F 152 18.50 -33.71 -12.25
C LEU F 152 17.64 -34.97 -12.31
N LEU F 153 16.73 -35.06 -13.27
CA LEU F 153 15.88 -36.24 -13.37
C LEU F 153 16.50 -37.20 -14.38
N GLU F 154 17.52 -37.93 -13.91
CA GLU F 154 18.31 -38.89 -14.70
C GLU F 154 17.52 -39.99 -15.39
N VAL F 155 16.53 -40.53 -14.69
CA VAL F 155 15.67 -41.57 -15.25
C VAL F 155 14.50 -41.04 -16.14
N SER F 156 13.79 -41.97 -16.77
CA SER F 156 12.67 -41.61 -17.61
C SER F 156 11.49 -41.44 -16.73
N CYS F 157 10.83 -40.30 -16.84
CA CYS F 157 9.68 -40.07 -16.01
C CYS F 157 8.39 -39.90 -16.77
N SER F 158 7.31 -39.91 -16.00
CA SER F 158 5.98 -39.71 -16.55
C SER F 158 5.34 -38.70 -15.59
N PHE F 159 4.13 -38.26 -15.86
CA PHE F 159 3.53 -37.30 -14.94
C PHE F 159 2.08 -37.58 -14.79
N ASP F 160 1.49 -37.02 -13.74
CA ASP F 160 0.08 -37.18 -13.48
C ASP F 160 -0.51 -35.87 -12.94
N LEU F 161 -1.79 -35.63 -13.23
CA LEU F 161 -2.49 -34.44 -12.74
C LEU F 161 -3.48 -34.72 -11.60
N LEU F 162 -3.20 -34.16 -10.43
CA LEU F 162 -4.12 -34.39 -9.32
C LEU F 162 -4.86 -33.12 -9.05
N ILE F 163 -6.15 -33.27 -8.76
CA ILE F 163 -7.04 -32.18 -8.43
C ILE F 163 -7.48 -32.45 -6.99
N TYR F 164 -7.75 -31.40 -6.23
CA TYR F 164 -8.19 -31.55 -4.85
C TYR F 164 -9.34 -30.60 -4.66
N THR F 165 -10.48 -31.20 -4.34
CA THR F 165 -11.68 -30.40 -4.18
C THR F 165 -12.53 -30.70 -2.96
N ASP F 166 -13.80 -30.25 -3.05
CA ASP F 166 -14.84 -30.42 -2.01
C ASP F 166 -15.73 -31.68 -2.20
N LYS F 167 -15.73 -32.47 -1.12
CA LYS F 167 -16.43 -33.72 -1.14
C LYS F 167 -17.82 -33.84 -1.68
N ASP F 168 -18.29 -32.82 -2.36
CA ASP F 168 -19.59 -32.91 -2.97
C ASP F 168 -19.55 -32.50 -4.43
N LEU F 169 -18.50 -32.94 -5.11
CA LEU F 169 -18.33 -32.63 -6.50
C LEU F 169 -18.57 -33.87 -7.33
N VAL F 170 -19.37 -33.73 -8.36
CA VAL F 170 -19.63 -34.82 -9.24
C VAL F 170 -18.56 -34.74 -10.33
N VAL F 171 -17.54 -35.59 -10.23
CA VAL F 171 -16.45 -35.60 -11.20
C VAL F 171 -16.66 -36.56 -12.35
N PRO F 172 -16.30 -36.13 -13.57
CA PRO F 172 -16.42 -36.90 -14.81
C PRO F 172 -15.80 -38.29 -14.70
N GLU F 173 -16.11 -39.15 -15.66
CA GLU F 173 -15.58 -40.50 -15.66
C GLU F 173 -14.05 -40.53 -15.79
N LYS F 174 -13.51 -39.71 -16.69
CA LYS F 174 -12.06 -39.66 -16.90
C LYS F 174 -11.28 -39.49 -15.59
N TRP F 175 -11.86 -38.77 -14.63
CA TRP F 175 -11.21 -38.52 -13.33
C TRP F 175 -11.51 -39.65 -12.34
N GLU F 176 -10.46 -40.21 -11.75
CA GLU F 176 -10.61 -41.30 -10.78
C GLU F 176 -10.16 -40.92 -9.36
N GLU F 177 -10.70 -41.56 -8.34
CA GLU F 177 -10.30 -41.26 -6.97
C GLU F 177 -8.83 -41.55 -6.75
N SER F 178 -8.17 -40.74 -5.91
CA SER F 178 -6.75 -40.92 -5.68
C SER F 178 -6.34 -40.36 -4.33
N GLY F 179 -5.02 -40.31 -4.09
CA GLY F 179 -4.44 -39.79 -2.87
C GLY F 179 -3.55 -38.61 -3.21
N PRO F 180 -2.93 -37.98 -2.23
CA PRO F 180 -2.06 -36.83 -2.52
C PRO F 180 -0.78 -37.17 -3.26
N GLN F 181 -0.36 -38.41 -3.12
CA GLN F 181 0.87 -38.87 -3.73
C GLN F 181 2.13 -38.10 -3.34
N PHE F 182 2.31 -37.86 -2.04
CA PHE F 182 3.49 -37.15 -1.53
C PHE F 182 4.77 -37.91 -1.84
N ILE F 183 5.90 -37.21 -1.81
CA ILE F 183 7.22 -37.82 -2.02
C ILE F 183 7.52 -38.29 -0.59
N THR F 184 7.86 -39.55 -0.44
CA THR F 184 8.13 -40.07 0.90
C THR F 184 9.12 -39.27 1.75
N ASN F 185 10.13 -38.68 1.11
CA ASN F 185 11.12 -37.92 1.85
C ASN F 185 11.65 -36.71 1.05
N SER F 186 11.22 -35.52 1.43
CA SER F 186 11.61 -34.35 0.65
C SER F 186 12.01 -33.00 1.27
N GLU F 187 12.25 -32.06 0.36
CA GLU F 187 12.60 -30.67 0.60
C GLU F 187 11.58 -29.90 -0.30
N GLU F 188 11.39 -28.62 -0.06
CA GLU F 188 10.47 -27.91 -0.93
C GLU F 188 10.78 -26.44 -0.98
N VAL F 189 10.45 -25.80 -2.09
CA VAL F 189 10.69 -24.38 -2.18
C VAL F 189 9.39 -23.79 -2.62
N ARG F 190 8.94 -22.81 -1.84
CA ARG F 190 7.68 -22.10 -2.08
C ARG F 190 7.98 -21.03 -3.14
N LEU F 191 7.15 -20.94 -4.17
CA LEU F 191 7.39 -19.99 -5.25
C LEU F 191 6.43 -18.83 -5.21
N ARG F 192 6.54 -17.95 -6.20
CA ARG F 192 5.69 -16.78 -6.26
C ARG F 192 4.22 -17.12 -6.57
N SER F 193 3.35 -16.16 -6.32
CA SER F 193 1.94 -16.31 -6.62
C SER F 193 1.47 -15.20 -7.57
N PHE F 194 0.22 -15.29 -8.01
CA PHE F 194 -0.37 -14.24 -8.86
C PHE F 194 -1.87 -14.20 -8.52
N THR F 195 -2.49 -13.06 -8.72
CA THR F 195 -3.89 -12.95 -8.38
C THR F 195 -4.66 -12.10 -9.37
N THR F 196 -5.87 -12.52 -9.69
CA THR F 196 -6.73 -11.76 -10.60
C THR F 196 -7.69 -10.97 -9.74
N THR F 197 -7.42 -10.94 -8.44
CA THR F 197 -8.24 -10.29 -7.40
C THR F 197 -9.50 -11.11 -7.13
N ILE F 198 -9.71 -12.16 -7.90
CA ILE F 198 -10.85 -13.06 -7.69
C ILE F 198 -10.25 -14.43 -7.30
N HIS F 199 -9.28 -14.86 -8.10
CA HIS F 199 -8.58 -16.09 -7.84
C HIS F 199 -7.14 -15.77 -7.50
N LYS F 200 -6.55 -16.54 -6.57
CA LYS F 200 -5.14 -16.40 -6.20
C LYS F 200 -4.42 -17.75 -6.31
N VAL F 201 -3.32 -17.78 -7.04
CA VAL F 201 -2.60 -19.03 -7.24
C VAL F 201 -1.22 -19.00 -6.62
N ASN F 202 -0.95 -19.97 -5.75
CA ASN F 202 0.34 -20.11 -5.08
C ASN F 202 1.01 -21.36 -5.63
N SER F 203 2.27 -21.24 -6.06
CA SER F 203 3.03 -22.34 -6.66
C SER F 203 4.17 -22.74 -5.74
N MET F 204 4.55 -24.02 -5.81
CA MET F 204 5.63 -24.51 -4.96
C MET F 204 6.08 -25.84 -5.47
N VAL F 205 7.37 -26.13 -5.32
CA VAL F 205 7.87 -27.39 -5.81
C VAL F 205 8.59 -28.19 -4.74
N ALA F 206 8.36 -29.49 -4.73
CA ALA F 206 8.98 -30.40 -3.78
C ALA F 206 9.72 -31.49 -4.55
N TYR F 207 10.89 -31.83 -4.05
CA TYR F 207 11.74 -32.85 -4.64
C TYR F 207 12.25 -33.82 -3.58
N LYS F 208 12.53 -35.04 -4.04
CA LYS F 208 13.05 -36.09 -3.18
C LYS F 208 14.47 -35.68 -2.82
N ILE F 209 14.84 -35.82 -1.55
CA ILE F 209 16.17 -35.43 -1.13
C ILE F 209 17.21 -36.39 -1.67
N PRO F 210 18.19 -35.88 -2.48
CA PRO F 210 19.27 -36.68 -3.08
C PRO F 210 19.89 -37.73 -2.16
N VAL F 211 19.89 -38.96 -2.63
CA VAL F 211 20.44 -40.08 -1.88
C VAL F 211 21.70 -40.56 -2.59
N ASN F 212 22.64 -41.09 -1.80
CA ASN F 212 23.90 -41.62 -2.34
C ASN F 212 24.80 -40.55 -2.97
N ASP F 213 24.31 -39.74 -3.80
N SER G 1 -10.95 -34.07 -0.83
CA SER G 1 -10.99 -35.27 -1.73
C SER G 1 -10.08 -35.12 -2.95
N TRP G 2 -9.27 -36.14 -3.21
CA TRP G 2 -8.34 -36.16 -4.35
C TRP G 2 -8.82 -36.98 -5.54
N TYR G 3 -8.58 -36.43 -6.73
CA TYR G 3 -8.95 -37.08 -7.96
C TYR G 3 -7.81 -36.95 -8.93
N SER G 4 -7.66 -37.97 -9.77
CA SER G 4 -6.60 -38.03 -10.77
C SER G 4 -7.09 -38.29 -12.19
N TYR G 5 -6.43 -37.66 -13.15
CA TYR G 5 -6.76 -37.84 -14.55
C TYR G 5 -5.42 -37.90 -15.27
N PRO G 6 -4.91 -39.12 -15.46
CA PRO G 6 -3.62 -39.30 -16.13
C PRO G 6 -3.65 -39.02 -17.62
N PRO G 7 -2.50 -38.63 -18.17
CA PRO G 7 -2.37 -38.32 -19.60
C PRO G 7 -2.18 -39.62 -20.43
N PRO G 8 -2.34 -39.53 -21.77
CA PRO G 8 -2.15 -40.75 -22.57
C PRO G 8 -0.83 -41.51 -22.26
N GLN G 9 -0.89 -42.84 -22.28
CA GLN G 9 0.26 -43.70 -21.98
C GLN G 9 1.29 -43.67 -23.09
N ARG G 10 2.28 -42.79 -22.96
CA ARG G 10 3.37 -42.65 -23.91
C ARG G 10 3.94 -43.97 -24.44
N ALA G 11 3.94 -44.94 -23.66
N GLN H 17 22.88 -10.61 8.10
CA GLN H 17 22.83 -12.08 7.85
C GLN H 17 22.40 -12.40 6.40
N GLY H 18 23.34 -12.31 5.45
CA GLY H 18 23.03 -12.58 4.05
C GLY H 18 23.36 -13.97 3.49
N ILE H 19 23.37 -14.08 2.16
CA ILE H 19 23.69 -15.31 1.48
C ILE H 19 25.20 -15.46 1.51
N THR H 20 25.65 -16.65 1.89
CA THR H 20 27.07 -16.85 1.98
C THR H 20 27.76 -17.35 0.72
N LEU H 21 28.87 -16.72 0.39
CA LEU H 21 29.65 -17.16 -0.75
C LEU H 21 30.95 -17.60 -0.11
N ARG H 22 31.09 -18.91 0.12
CA ARG H 22 32.31 -19.45 0.72
C ARG H 22 33.18 -20.18 -0.29
N GLY H 23 34.47 -19.88 -0.25
CA GLY H 23 35.39 -20.51 -1.19
C GLY H 23 36.66 -19.74 -1.48
N SER H 24 37.35 -20.13 -2.54
CA SER H 24 38.58 -19.44 -2.90
C SER H 24 38.21 -18.31 -3.82
N ALA H 25 39.11 -17.33 -3.92
CA ALA H 25 38.90 -16.17 -4.76
C ALA H 25 38.20 -16.52 -6.08
N GLU H 26 38.86 -17.31 -6.92
CA GLU H 26 38.26 -17.59 -8.21
C GLU H 26 36.86 -18.17 -8.08
N ILE H 27 36.64 -19.12 -7.17
CA ILE H 27 35.33 -19.68 -7.00
C ILE H 27 34.30 -18.69 -6.42
N VAL H 28 34.71 -17.91 -5.44
CA VAL H 28 33.79 -16.95 -4.85
C VAL H 28 33.37 -15.93 -5.88
N ALA H 29 34.30 -15.53 -6.73
CA ALA H 29 33.97 -14.57 -7.75
C ALA H 29 32.97 -15.20 -8.72
N GLU H 30 33.25 -16.43 -9.12
CA GLU H 30 32.40 -17.14 -10.05
C GLU H 30 30.99 -17.20 -9.50
N PHE H 31 30.86 -17.63 -8.25
CA PHE H 31 29.56 -17.73 -7.61
C PHE H 31 28.83 -16.39 -7.65
N PHE H 32 29.52 -15.30 -7.30
CA PHE H 32 28.94 -13.96 -7.31
C PHE H 32 28.35 -13.67 -8.69
N SER H 33 29.11 -13.94 -9.74
CA SER H 33 28.66 -13.73 -11.10
C SER H 33 27.35 -14.48 -11.40
N PHE H 34 27.35 -15.79 -11.13
CA PHE H 34 26.17 -16.62 -11.34
C PHE H 34 25.02 -16.02 -10.56
N GLY H 35 25.29 -15.70 -9.30
CA GLY H 35 24.26 -15.13 -8.44
C GLY H 35 23.64 -13.88 -9.00
N ILE H 36 24.47 -12.90 -9.30
CA ILE H 36 23.94 -11.66 -9.77
C ILE H 36 23.20 -11.83 -11.08
N ASN H 37 23.61 -12.79 -11.90
CA ASN H 37 22.92 -13.07 -13.17
C ASN H 37 21.51 -13.51 -12.86
N SER H 38 21.40 -14.50 -11.98
CA SER H 38 20.11 -15.05 -11.58
C SER H 38 19.16 -13.96 -11.05
N ILE H 39 19.67 -13.06 -10.22
CA ILE H 39 18.81 -11.98 -9.73
C ILE H 39 18.35 -11.12 -10.93
N LEU H 40 19.28 -10.72 -11.79
CA LEU H 40 18.95 -9.86 -12.92
C LEU H 40 17.84 -10.48 -13.74
N TYR H 41 17.92 -11.80 -13.94
CA TYR H 41 16.93 -12.54 -14.73
C TYR H 41 15.61 -12.73 -13.98
N GLN H 42 15.68 -13.32 -12.80
CA GLN H 42 14.47 -13.56 -12.07
C GLN H 42 13.68 -12.28 -11.81
N ARG H 43 14.34 -11.25 -11.26
CA ARG H 43 13.64 -10.01 -10.98
C ARG H 43 13.23 -9.17 -12.19
N GLY H 44 13.54 -9.61 -13.42
CA GLY H 44 13.22 -8.84 -14.61
C GLY H 44 14.05 -7.57 -14.83
N ILE H 45 15.20 -7.47 -14.19
CA ILE H 45 16.05 -6.29 -14.32
C ILE H 45 16.50 -6.19 -15.77
N TYR H 46 16.66 -7.34 -16.41
CA TYR H 46 17.03 -7.40 -17.82
C TYR H 46 15.99 -8.28 -18.54
N PRO H 47 15.87 -8.15 -19.86
CA PRO H 47 14.88 -8.97 -20.60
C PRO H 47 15.25 -10.44 -20.64
N SER H 48 14.24 -11.27 -20.53
CA SER H 48 14.43 -12.71 -20.54
C SER H 48 15.11 -13.17 -21.79
N GLU H 49 14.69 -12.63 -22.92
CA GLU H 49 15.28 -13.04 -24.18
C GLU H 49 16.79 -12.80 -24.17
N THR H 50 17.25 -11.97 -23.25
CA THR H 50 18.66 -11.68 -23.13
C THR H 50 19.47 -12.79 -22.47
N PHE H 51 18.81 -13.75 -21.85
CA PHE H 51 19.55 -14.81 -21.16
C PHE H 51 19.56 -16.11 -21.88
N THR H 52 20.44 -17.00 -21.42
CA THR H 52 20.57 -18.32 -21.99
C THR H 52 21.11 -19.31 -20.97
N ARG H 53 20.99 -20.60 -21.28
CA ARG H 53 21.49 -21.64 -20.39
C ARG H 53 22.93 -21.99 -20.76
N VAL H 54 23.72 -22.36 -19.77
CA VAL H 54 25.11 -22.76 -19.97
C VAL H 54 25.42 -23.83 -18.96
N GLN H 55 26.39 -24.67 -19.28
CA GLN H 55 26.73 -25.72 -18.36
C GLN H 55 27.95 -25.32 -17.59
N LYS H 56 27.91 -25.57 -16.29
CA LYS H 56 29.06 -25.25 -15.46
C LYS H 56 28.99 -26.22 -14.29
N TYR H 57 30.12 -26.76 -13.89
CA TYR H 57 30.18 -27.71 -12.78
C TYR H 57 29.11 -28.79 -12.81
N GLY H 58 28.68 -29.17 -14.01
CA GLY H 58 27.66 -30.20 -14.15
C GLY H 58 26.24 -29.70 -14.02
N LEU H 59 26.07 -28.41 -13.80
CA LEU H 59 24.74 -27.86 -13.64
C LEU H 59 24.42 -26.93 -14.80
N THR H 60 23.16 -26.49 -14.85
CA THR H 60 22.70 -25.56 -15.85
C THR H 60 22.53 -24.19 -15.20
N LEU H 61 23.11 -23.17 -15.80
CA LEU H 61 23.00 -21.82 -15.26
C LEU H 61 22.46 -20.85 -16.28
N LEU H 62 21.69 -19.89 -15.79
CA LEU H 62 21.12 -18.87 -16.66
C LEU H 62 22.07 -17.70 -16.67
N VAL H 63 22.49 -17.24 -17.85
CA VAL H 63 23.41 -16.12 -17.89
C VAL H 63 23.02 -15.22 -19.03
N THR H 64 23.40 -13.96 -18.92
CA THR H 64 23.10 -12.99 -19.94
C THR H 64 23.98 -13.18 -21.20
N THR H 65 23.54 -12.60 -22.29
CA THR H 65 24.30 -12.67 -23.53
C THR H 65 24.49 -11.25 -24.05
N ASP H 66 24.16 -10.27 -23.23
CA ASP H 66 24.30 -8.90 -23.65
C ASP H 66 25.76 -8.50 -23.50
N LEU H 67 26.45 -8.36 -24.62
CA LEU H 67 27.86 -8.01 -24.61
C LEU H 67 28.23 -6.87 -23.66
N GLU H 68 27.58 -5.72 -23.79
CA GLU H 68 27.87 -4.59 -22.91
C GLU H 68 27.95 -5.06 -21.45
N LEU H 69 26.83 -5.59 -20.96
CA LEU H 69 26.75 -6.04 -19.58
C LEU H 69 27.76 -7.13 -19.23
N ILE H 70 28.02 -8.05 -20.18
CA ILE H 70 28.98 -9.14 -19.95
C ILE H 70 30.34 -8.54 -19.71
N LYS H 71 30.78 -7.70 -20.63
CA LYS H 71 32.06 -7.06 -20.48
C LYS H 71 32.11 -6.36 -19.11
N TYR H 72 31.10 -5.57 -18.78
CA TYR H 72 31.13 -4.83 -17.51
C TYR H 72 31.22 -5.71 -16.27
N LEU H 73 30.32 -6.68 -16.18
CA LEU H 73 30.31 -7.58 -15.05
C LEU H 73 31.68 -8.27 -14.88
N ASN H 74 32.27 -8.65 -16.00
CA ASN H 74 33.53 -9.32 -16.01
C ASN H 74 34.65 -8.48 -15.42
N ASN H 75 34.62 -7.23 -15.73
CA ASN H 75 35.57 -6.29 -15.31
C ASN H 75 35.52 -6.10 -13.78
N VAL H 76 34.31 -5.96 -13.23
CA VAL H 76 34.24 -5.80 -11.78
C VAL H 76 34.49 -7.16 -11.14
N VAL H 77 34.01 -8.22 -11.76
CA VAL H 77 34.26 -9.50 -11.19
C VAL H 77 35.74 -9.84 -11.16
N GLU H 78 36.50 -9.41 -12.16
CA GLU H 78 37.91 -9.75 -12.19
C GLU H 78 38.67 -9.01 -11.10
N GLN H 79 38.31 -7.76 -10.89
CA GLN H 79 38.95 -6.96 -9.86
C GLN H 79 38.60 -7.53 -8.51
N LEU H 80 37.38 -8.03 -8.38
CA LEU H 80 36.91 -8.58 -7.14
C LEU H 80 37.80 -9.75 -6.82
N LYS H 81 38.16 -10.52 -7.84
CA LYS H 81 39.02 -11.68 -7.68
C LYS H 81 40.35 -11.28 -7.04
N ASP H 82 40.96 -10.22 -7.53
CA ASP H 82 42.24 -9.75 -6.98
C ASP H 82 42.14 -9.36 -5.50
N TRP H 83 41.12 -8.59 -5.16
CA TRP H 83 40.97 -8.19 -3.77
C TRP H 83 40.73 -9.41 -2.91
N LEU H 84 40.02 -10.37 -3.48
CA LEU H 84 39.68 -11.60 -2.77
C LEU H 84 40.90 -12.47 -2.59
N TYR H 85 41.85 -12.36 -3.50
CA TYR H 85 43.06 -13.15 -3.43
C TYR H 85 43.86 -12.81 -2.17
N LYS H 86 43.37 -11.82 -1.41
CA LYS H 86 44.02 -11.39 -0.16
C LYS H 86 42.95 -11.28 0.87
N CYS H 87 41.76 -11.70 0.49
CA CYS H 87 40.66 -11.67 1.40
C CYS H 87 40.44 -10.25 1.87
N SER H 88 40.57 -9.32 0.95
CA SER H 88 40.42 -7.91 1.25
C SER H 88 38.95 -7.49 1.34
N VAL H 89 38.08 -8.14 0.55
CA VAL H 89 36.66 -7.80 0.61
C VAL H 89 35.88 -8.70 1.58
N GLN H 90 35.01 -8.05 2.36
CA GLN H 90 34.21 -8.70 3.39
C GLN H 90 32.80 -9.13 2.98
N LYS H 91 32.04 -8.23 2.36
CA LYS H 91 30.70 -8.54 1.90
C LYS H 91 30.42 -7.76 0.62
N LEU H 92 29.37 -8.15 -0.08
CA LEU H 92 28.95 -7.49 -1.31
C LEU H 92 27.47 -7.20 -1.17
N VAL H 93 27.08 -5.98 -1.48
CA VAL H 93 25.67 -5.63 -1.40
C VAL H 93 25.20 -4.94 -2.64
N VAL H 94 24.14 -5.47 -3.23
CA VAL H 94 23.58 -4.88 -4.43
C VAL H 94 22.35 -4.15 -3.96
N VAL H 95 22.35 -2.82 -4.14
CA VAL H 95 21.21 -2.02 -3.73
C VAL H 95 20.45 -1.65 -5.01
N ILE H 96 19.18 -2.06 -5.08
CA ILE H 96 18.31 -1.78 -6.22
C ILE H 96 17.27 -0.73 -5.79
N SER H 97 17.27 0.42 -6.44
CA SER H 97 16.33 1.46 -6.05
C SER H 97 15.76 2.14 -7.27
N ASN H 98 14.61 2.79 -7.04
CA ASN H 98 13.86 3.54 -8.03
C ASN H 98 14.76 4.55 -8.74
N ILE H 99 14.78 4.52 -10.06
CA ILE H 99 15.65 5.43 -10.79
C ILE H 99 15.19 6.89 -10.65
N GLU H 100 13.90 7.12 -10.51
CA GLU H 100 13.38 8.49 -10.38
C GLU H 100 13.38 9.08 -8.97
N SER H 101 12.77 8.39 -8.02
CA SER H 101 12.69 8.91 -6.67
C SER H 101 14.00 8.82 -5.90
N GLY H 102 14.66 7.68 -6.01
CA GLY H 102 15.89 7.48 -5.28
C GLY H 102 15.63 6.46 -4.18
N GLU H 103 14.37 6.04 -4.11
CA GLU H 103 13.85 5.08 -3.14
C GLU H 103 14.37 3.67 -3.24
N VAL H 104 14.91 3.17 -2.14
CA VAL H 104 15.43 1.82 -2.12
C VAL H 104 14.34 0.80 -2.15
N LEU H 105 14.39 -0.10 -3.12
CA LEU H 105 13.37 -1.12 -3.28
C LEU H 105 13.77 -2.49 -2.74
N GLU H 106 15.07 -2.80 -2.73
CA GLU H 106 15.56 -4.09 -2.24
C GLU H 106 17.09 -4.17 -2.17
N ARG H 107 17.60 -5.05 -1.30
CA ARG H 107 19.03 -5.22 -1.14
C ARG H 107 19.43 -6.69 -1.15
N TRP H 108 20.40 -7.05 -1.98
CA TRP H 108 20.89 -8.41 -2.00
C TRP H 108 22.29 -8.36 -1.37
N GLN H 109 22.45 -9.08 -0.28
CA GLN H 109 23.72 -9.13 0.39
C GLN H 109 24.40 -10.50 0.29
N PHE H 110 25.70 -10.45 0.08
CA PHE H 110 26.47 -11.67 0.03
C PHE H 110 27.57 -11.59 1.08
N ASP H 111 27.64 -12.63 1.90
CA ASP H 111 28.66 -12.72 2.94
C ASP H 111 29.77 -13.54 2.38
N ILE H 112 30.96 -12.95 2.30
CA ILE H 112 32.13 -13.67 1.80
C ILE H 112 32.82 -14.46 2.94
N GLU H 113 33.12 -15.71 2.68
CA GLU H 113 33.82 -16.58 3.62
C GLU H 113 34.95 -17.07 2.77
N CYS H 114 35.92 -16.19 2.58
CA CYS H 114 37.09 -16.46 1.76
C CYS H 114 38.22 -17.20 2.49
N ASP H 115 38.59 -18.37 1.98
CA ASP H 115 39.69 -19.15 2.55
C ASP H 115 40.78 -19.08 1.52
N LYS H 116 41.89 -19.75 1.80
CA LYS H 116 42.94 -19.78 0.82
C LYS H 116 42.80 -21.13 0.17
N GLY H 117 41.73 -21.83 0.56
CA GLY H 117 41.45 -23.14 0.00
C GLY H 117 42.63 -24.05 -0.24
N SER H 118 42.86 -24.98 0.69
CA SER H 118 43.99 -25.92 0.58
C SER H 118 43.69 -27.09 -0.34
N GLY H 119 42.74 -27.93 0.07
CA GLY H 119 42.41 -29.08 -0.77
C GLY H 119 41.25 -28.65 -1.63
N GLU H 120 41.53 -28.42 -2.93
CA GLU H 120 40.49 -27.99 -3.86
C GLU H 120 39.21 -28.76 -3.58
N LYS H 121 38.07 -28.09 -3.68
CA LYS H 121 36.79 -28.74 -3.44
C LYS H 121 36.45 -29.76 -4.50
N SER H 122 35.66 -30.74 -4.13
CA SER H 122 35.25 -31.75 -5.06
C SER H 122 34.26 -31.10 -6.03
N GLN H 123 34.31 -31.46 -7.30
CA GLN H 123 33.32 -30.97 -8.24
C GLN H 123 32.03 -31.02 -7.43
N LYS H 124 31.84 -32.17 -6.77
CA LYS H 124 30.66 -32.38 -5.94
C LYS H 124 30.51 -31.33 -4.89
N ALA H 125 31.62 -30.98 -4.23
CA ALA H 125 31.58 -29.96 -3.19
C ALA H 125 31.12 -28.61 -3.74
N ILE H 126 31.69 -28.23 -4.88
CA ILE H 126 31.35 -26.99 -5.53
C ILE H 126 29.89 -27.03 -5.90
N GLN H 127 29.48 -28.12 -6.53
CA GLN H 127 28.09 -28.27 -6.91
C GLN H 127 27.13 -27.84 -5.81
N ASP H 128 27.35 -28.34 -4.59
CA ASP H 128 26.46 -27.98 -3.49
C ASP H 128 26.47 -26.53 -3.08
N GLU H 129 27.57 -25.84 -3.33
CA GLU H 129 27.65 -24.42 -2.96
C GLU H 129 26.76 -23.64 -3.92
N ILE H 130 26.90 -23.95 -5.20
CA ILE H 130 26.14 -23.29 -6.24
C ILE H 130 24.66 -23.49 -6.02
N ARG H 131 24.28 -24.75 -5.86
CA ARG H 131 22.87 -25.05 -5.65
C ARG H 131 22.27 -24.25 -4.49
N SER H 132 22.96 -24.10 -3.37
CA SER H 132 22.29 -23.37 -2.33
C SER H 132 22.31 -21.90 -2.61
N VAL H 133 23.36 -21.41 -3.25
CA VAL H 133 23.33 -19.99 -3.52
C VAL H 133 22.10 -19.70 -4.40
N ILE H 134 22.00 -20.38 -5.53
CA ILE H 134 20.85 -20.16 -6.39
C ILE H 134 19.52 -20.50 -5.67
N ARG H 135 19.54 -21.49 -4.80
CA ARG H 135 18.34 -21.86 -4.07
C ARG H 135 17.89 -20.72 -3.12
N GLN H 136 18.85 -20.11 -2.43
CA GLN H 136 18.51 -19.05 -1.48
C GLN H 136 17.99 -17.85 -2.23
N ILE H 137 18.67 -17.50 -3.33
CA ILE H 137 18.22 -16.38 -4.13
C ILE H 137 16.77 -16.63 -4.57
N THR H 138 16.53 -17.81 -5.10
CA THR H 138 15.18 -18.11 -5.56
C THR H 138 14.15 -18.09 -4.44
N ALA H 139 14.50 -18.66 -3.29
CA ALA H 139 13.56 -18.70 -2.17
C ALA H 139 13.22 -17.27 -1.76
N THR H 140 14.16 -16.35 -1.95
CA THR H 140 13.98 -14.97 -1.58
C THR H 140 13.08 -14.20 -2.57
N VAL H 141 13.25 -14.46 -3.86
CA VAL H 141 12.41 -13.70 -4.77
C VAL H 141 10.96 -14.01 -4.49
N THR H 142 10.71 -15.20 -3.93
CA THR H 142 9.35 -15.61 -3.58
C THR H 142 8.64 -14.57 -2.70
N PHE H 143 9.40 -13.93 -1.81
CA PHE H 143 8.82 -12.94 -0.91
C PHE H 143 8.98 -11.47 -1.26
N LEU H 144 9.75 -11.15 -2.29
CA LEU H 144 9.89 -9.76 -2.69
C LEU H 144 8.65 -9.35 -3.45
N PRO H 145 8.31 -8.07 -3.42
CA PRO H 145 7.13 -7.60 -4.13
C PRO H 145 7.46 -7.56 -5.64
N LEU H 146 6.44 -7.41 -6.46
CA LEU H 146 6.67 -7.35 -7.88
C LEU H 146 7.33 -6.02 -8.18
N LEU H 147 8.46 -6.06 -8.85
CA LEU H 147 9.20 -4.87 -9.21
C LEU H 147 8.57 -4.26 -10.46
N GLU H 148 8.23 -2.97 -10.42
CA GLU H 148 7.59 -2.35 -11.58
C GLU H 148 8.05 -0.98 -12.06
N VAL H 149 9.24 -0.55 -11.68
CA VAL H 149 9.75 0.75 -12.13
C VAL H 149 11.16 0.54 -12.68
N SER H 150 11.67 1.51 -13.45
CA SER H 150 13.03 1.36 -13.96
C SER H 150 13.91 1.58 -12.74
N CYS H 151 15.09 0.99 -12.74
CA CYS H 151 15.93 1.12 -11.56
C CYS H 151 17.42 1.33 -11.80
N SER H 152 18.15 1.38 -10.70
CA SER H 152 19.58 1.51 -10.72
C SER H 152 20.14 0.39 -9.85
N PHE H 153 21.25 -0.18 -10.28
CA PHE H 153 21.95 -1.28 -9.61
C PHE H 153 23.23 -0.73 -8.94
N ASP H 154 23.28 -0.68 -7.63
CA ASP H 154 24.50 -0.17 -7.00
C ASP H 154 25.22 -1.24 -6.19
N LEU H 155 26.38 -1.68 -6.69
CA LEU H 155 27.18 -2.72 -6.05
C LEU H 155 28.10 -2.11 -5.02
N LEU H 156 27.90 -2.40 -3.74
CA LEU H 156 28.80 -1.88 -2.71
C LEU H 156 29.78 -2.94 -2.29
N ILE H 157 31.08 -2.71 -2.50
CA ILE H 157 32.10 -3.67 -2.08
C ILE H 157 32.62 -3.24 -0.72
N TYR H 158 32.33 -4.01 0.32
CA TYR H 158 32.84 -3.68 1.65
C TYR H 158 34.22 -4.31 1.90
N THR H 159 35.25 -3.49 1.96
CA THR H 159 36.59 -4.01 2.17
C THR H 159 37.18 -3.52 3.48
N ASP H 160 38.40 -3.99 3.81
CA ASP H 160 38.95 -3.46 5.05
C ASP H 160 39.64 -2.15 4.64
N LYS H 161 40.42 -1.58 5.53
CA LYS H 161 41.00 -0.30 5.29
C LYS H 161 41.97 -0.19 4.15
N ASP H 162 42.90 -1.10 3.95
CA ASP H 162 43.70 -0.75 2.76
C ASP H 162 43.25 -1.42 1.49
N LEU H 163 43.90 -1.05 0.41
CA LEU H 163 43.47 -1.65 -0.81
C LEU H 163 44.19 -1.02 -1.95
N VAL H 164 44.27 -1.75 -3.05
CA VAL H 164 44.52 -1.13 -4.36
C VAL H 164 43.22 -0.89 -5.10
N VAL H 165 42.45 0.09 -4.65
CA VAL H 165 41.95 1.15 -5.51
C VAL H 165 43.09 2.08 -5.95
N PRO H 166 43.41 2.04 -7.24
CA PRO H 166 43.57 3.28 -8.03
C PRO H 166 42.26 4.04 -8.16
N GLU H 167 42.04 5.01 -7.28
CA GLU H 167 41.31 6.25 -7.65
C GLU H 167 39.80 6.08 -7.56
N LYS H 168 39.37 5.60 -6.38
CA LYS H 168 37.96 5.32 -6.09
C LYS H 168 37.60 4.02 -6.80
N TRP H 169 38.62 3.44 -7.46
CA TRP H 169 38.55 2.19 -8.24
C TRP H 169 38.95 2.71 -9.65
N GLU H 170 39.08 1.83 -10.64
CA GLU H 170 39.45 2.23 -12.01
C GLU H 170 38.60 3.39 -12.51
N GLU H 171 39.16 4.61 -12.45
CA GLU H 171 38.41 5.79 -12.88
C GLU H 171 37.12 5.77 -12.03
N SER H 172 37.32 5.61 -10.71
CA SER H 172 36.22 5.52 -9.74
C SER H 172 35.35 4.28 -10.07
N GLY H 173 34.37 3.98 -9.23
CA GLY H 173 33.53 2.82 -9.49
C GLY H 173 33.05 2.80 -10.92
N PRO H 174 33.61 1.95 -11.79
CA PRO H 174 33.13 1.95 -13.18
C PRO H 174 31.62 1.80 -13.23
N GLN H 175 31.00 2.46 -14.20
CA GLN H 175 29.56 2.38 -14.30
C GLN H 175 29.20 2.42 -15.76
N PHE H 176 27.90 2.34 -16.05
CA PHE H 176 27.44 2.42 -17.41
C PHE H 176 25.94 2.61 -17.50
N ILE H 177 25.52 3.52 -18.39
CA ILE H 177 24.10 3.83 -18.56
C ILE H 177 23.51 2.99 -19.68
N THR H 178 22.29 2.49 -19.48
CA THR H 178 21.65 1.69 -20.51
C THR H 178 20.62 2.50 -21.26
N ASN H 179 19.36 2.37 -20.85
CA ASN H 179 18.25 3.08 -21.50
C ASN H 179 18.04 2.45 -22.90
N SER H 180 19.14 2.00 -23.50
CA SER H 180 19.11 1.36 -24.81
C SER H 180 18.14 0.18 -24.72
N GLU H 181 17.14 0.17 -25.59
CA GLU H 181 16.13 -0.88 -25.59
C GLU H 181 15.25 -0.61 -24.37
N GLU H 182 14.19 -1.40 -24.22
CA GLU H 182 13.33 -1.24 -23.06
C GLU H 182 13.86 -2.24 -22.03
N VAL H 183 14.96 -1.83 -21.44
CA VAL H 183 15.67 -2.58 -20.41
C VAL H 183 15.36 -1.86 -19.12
N ARG H 184 15.06 -2.60 -18.08
CA ARG H 184 14.73 -2.00 -16.80
C ARG H 184 15.92 -1.42 -16.03
N LEU H 185 17.11 -1.95 -16.28
CA LEU H 185 18.29 -1.46 -15.59
C LEU H 185 18.78 -0.25 -16.34
N ARG H 186 18.62 0.92 -15.75
CA ARG H 186 19.06 2.16 -16.36
C ARG H 186 20.51 2.48 -16.08
N SER H 187 21.08 1.88 -15.05
CA SER H 187 22.49 2.10 -14.71
C SER H 187 22.99 1.16 -13.62
N PHE H 188 24.23 0.73 -13.73
CA PHE H 188 24.85 -0.21 -12.82
C PHE H 188 26.19 0.42 -12.43
N THR H 189 26.44 0.55 -11.12
CA THR H 189 27.72 1.10 -10.69
C THR H 189 28.31 0.42 -9.44
N THR H 190 29.62 0.23 -9.44
CA THR H 190 30.33 -0.40 -8.35
C THR H 190 30.95 0.68 -7.48
N THR H 191 31.01 0.43 -6.17
CA THR H 191 31.57 1.36 -5.21
C THR H 191 32.28 0.70 -4.04
N ILE H 192 33.45 1.20 -3.68
CA ILE H 192 34.17 0.64 -2.56
C ILE H 192 33.72 1.36 -1.32
N HIS H 193 33.67 0.62 -0.23
CA HIS H 193 33.26 1.19 1.01
C HIS H 193 34.12 0.50 2.05
N LYS H 194 35.24 1.12 2.38
CA LYS H 194 36.13 0.54 3.37
C LYS H 194 35.47 0.66 4.72
N VAL H 195 35.36 -0.46 5.44
CA VAL H 195 34.78 -0.42 6.76
C VAL H 195 35.87 0.34 7.53
N ASN H 196 35.48 1.16 8.50
CA ASN H 196 36.44 1.95 9.26
C ASN H 196 36.40 1.64 10.76
N SER H 197 36.88 0.55 11.15
N SER I 1 -35.35 -5.68 -5.17
CA SER I 1 -36.66 -4.97 -5.31
C SER I 1 -36.48 -3.47 -5.52
N TRP I 2 -37.17 -2.90 -6.50
CA TRP I 2 -37.07 -1.47 -6.78
C TRP I 2 -38.27 -0.68 -6.20
N TYR I 3 -37.98 0.53 -5.73
CA TYR I 3 -38.99 1.44 -5.19
C TYR I 3 -38.70 2.87 -5.67
N SER I 4 -39.76 3.58 -6.06
CA SER I 4 -39.65 4.93 -6.56
C SER I 4 -40.38 5.94 -5.67
N TYR I 5 -39.79 7.13 -5.54
CA TYR I 5 -40.38 8.21 -4.76
C TYR I 5 -40.17 9.46 -5.60
N PRO I 6 -41.17 9.81 -6.42
CA PRO I 6 -41.08 11.00 -7.28
C PRO I 6 -41.21 12.31 -6.54
N PRO I 7 -40.56 13.37 -7.06
CA PRO I 7 -40.59 14.71 -6.47
C PRO I 7 -41.90 15.39 -6.78
N PRO I 8 -42.19 16.51 -6.12
CA PRO I 8 -43.44 17.23 -6.38
C PRO I 8 -43.60 17.65 -7.81
N GLN I 9 -44.82 17.42 -8.34
CA GLN I 9 -45.12 17.85 -9.70
C GLN I 9 -45.30 19.33 -9.67
N ARG I 10 -44.83 19.93 -8.59
CA ARG I 10 -44.97 21.35 -8.41
C ARG I 10 -43.75 22.17 -7.96
N ALA I 11 -42.54 21.67 -8.21
CA ALA I 11 -41.33 22.44 -7.84
C ALA I 11 -40.86 23.31 -9.02
N VAL I 12 -40.69 22.76 -10.14
#